data_7PPH
#
_entry.id   7PPH
#
_cell.length_a   61.122
_cell.length_b   105.778
_cell.length_c   83.176
_cell.angle_alpha   90.000
_cell.angle_beta   96.510
_cell.angle_gamma   90.000
#
_symmetry.space_group_name_H-M   'P 1 21 1'
#
loop_
_entity.id
_entity.type
_entity.pdbx_description
1 polymer 'Nicotinamide phosphoribosyltransferase'
2 non-polymer N-[4-[(5R)-6-oxidanylidene-5-quinolin-5-yl-5-(trifluoromethyl)-1,4-dihydropyridazin-3-yl]phenyl]-1,3-dihydropyrrolo[3,4-c]pyridine-2-carboxamide
3 non-polymer 'PHOSPHATE ION'
4 non-polymer GLYCEROL
5 water water
#
_entity_poly.entity_id   1
_entity_poly.type   'polypeptide(L)'
_entity_poly.pdbx_seq_one_letter_code
;GMNPAAEAEFNILLATDSYKVTHYKQYPPNTSKVYSYFECREKKTENSKLRKVKYEETVFYGLQYILNKYLKGKVVTKEK
IQEAKDVYKEHFQDDVFNEKGWNYILEKYDGHLPIEIKAVPEGFVIPRGNVLFTVENTDPECYWLTNWIETILVQSWYPI
TVATNSREQKKILAKYLLETSGNLDGLEYKLHDFGYRGVSSQETAGIGASAHLVNFKGTDTVAGLALIKKYYGTKDPVPG
YSVPAAEHSTITAWGKDHEKDAFEHIVTQFSSVPVSVVSDSYDIYNACEKIWGEDLRHLIVSRSTQAPLIIRPDSGNPLD
TVLKVLEILGKKFPVTENSKGYKLLPPYLRVIQGDGVDINTLQEIVEGMKQKMWSIENIAFGSGGGLLQKLTRDLLNCSF
KCSYVVTNGLGINVFKDPVADPNKRSKKGRLSLHRTPAGNFVTLEEGKGDLEEYGQDLLHTVFKNGKVTKSYSFDEIRKN
AQLNIELEAAHH
;
_entity_poly.pdbx_strand_id   A,B
#
# COMPACT_ATOMS: atom_id res chain seq x y z
N PHE A 10 2.90 19.17 5.63
CA PHE A 10 1.91 18.85 4.53
C PHE A 10 1.51 20.12 3.79
N ASN A 11 1.55 20.04 2.47
CA ASN A 11 1.13 21.18 1.60
C ASN A 11 0.17 20.65 0.54
N ILE A 12 -1.10 21.04 0.63
CA ILE A 12 -2.17 20.53 -0.28
CA ILE A 12 -2.16 20.52 -0.28
C ILE A 12 -1.87 20.96 -1.73
N LEU A 13 -1.09 22.02 -1.91
CA LEU A 13 -0.65 22.49 -3.25
C LEU A 13 0.33 21.49 -3.84
N LEU A 14 0.96 20.63 -3.03
CA LEU A 14 1.89 19.59 -3.54
C LEU A 14 1.29 18.19 -3.38
N ALA A 15 -0.04 18.08 -3.14
CA ALA A 15 -0.69 16.77 -2.86
C ALA A 15 -1.74 16.48 -3.95
N THR A 16 -1.36 16.70 -5.21
CA THR A 16 -2.20 16.40 -6.40
C THR A 16 -1.31 15.74 -7.48
N ASP A 17 -1.95 15.06 -8.42
CA ASP A 17 -1.20 14.58 -9.63
C ASP A 17 -0.67 15.79 -10.39
N SER A 18 0.57 15.71 -10.85
CA SER A 18 1.22 16.85 -11.55
C SER A 18 0.26 17.45 -12.58
N TYR A 19 -0.33 16.62 -13.46
CA TYR A 19 -1.10 17.19 -14.59
C TYR A 19 -2.25 18.07 -14.12
N LYS A 20 -2.77 17.90 -12.92
CA LYS A 20 -3.91 18.72 -12.44
C LYS A 20 -3.43 20.15 -12.19
N VAL A 21 -2.13 20.35 -11.99
CA VAL A 21 -1.59 21.72 -11.85
C VAL A 21 -1.94 22.51 -13.12
N THR A 22 -2.12 21.82 -14.24
CA THR A 22 -2.36 22.45 -15.59
C THR A 22 -3.83 22.53 -15.99
N HIS A 23 -4.75 21.98 -15.19
CA HIS A 23 -6.16 21.80 -15.64
C HIS A 23 -6.93 23.12 -15.69
N TYR A 24 -6.56 24.12 -14.91
CA TYR A 24 -7.26 25.41 -14.86
C TYR A 24 -7.14 26.11 -16.22
N LYS A 25 -6.29 25.63 -17.13
CA LYS A 25 -6.13 26.22 -18.47
C LYS A 25 -6.90 25.38 -19.48
N GLN A 26 -7.61 24.33 -19.07
CA GLN A 26 -8.16 23.35 -20.04
C GLN A 26 -9.70 23.26 -20.01
N TYR A 27 -10.34 23.66 -18.93
CA TYR A 27 -11.81 23.61 -18.77
C TYR A 27 -12.38 24.65 -19.72
N PRO A 28 -13.65 24.53 -20.13
CA PRO A 28 -14.26 25.51 -20.99
C PRO A 28 -14.16 26.85 -20.30
N PRO A 29 -13.85 27.92 -21.03
CA PRO A 29 -13.98 29.26 -20.48
C PRO A 29 -15.41 29.55 -19.95
N ASN A 30 -15.46 30.42 -18.95
CA ASN A 30 -16.72 30.86 -18.31
C ASN A 30 -17.37 29.69 -17.57
N THR A 31 -16.59 28.74 -17.04
CA THR A 31 -17.08 27.63 -16.19
C THR A 31 -17.04 28.08 -14.72
N SER A 32 -18.21 28.09 -14.06
CA SER A 32 -18.45 28.57 -12.66
C SER A 32 -18.58 27.40 -11.67
N LYS A 33 -18.86 26.20 -12.18
CA LYS A 33 -19.05 24.98 -11.32
C LYS A 33 -18.48 23.73 -11.98
N VAL A 34 -17.73 22.97 -11.21
CA VAL A 34 -17.37 21.56 -11.53
C VAL A 34 -17.87 20.69 -10.37
N TYR A 35 -18.68 19.69 -10.72
CA TYR A 35 -19.33 18.76 -9.79
C TYR A 35 -18.92 17.36 -10.19
N SER A 36 -18.34 16.65 -9.22
CA SER A 36 -17.71 15.34 -9.41
C SER A 36 -18.21 14.39 -8.32
N TYR A 37 -18.14 13.10 -8.61
CA TYR A 37 -18.68 12.08 -7.69
C TYR A 37 -17.71 10.90 -7.57
N PHE A 38 -17.87 10.11 -6.49
CA PHE A 38 -17.09 8.88 -6.25
C PHE A 38 -18.00 7.67 -6.27
N GLU A 39 -17.66 6.64 -7.00
CA GLU A 39 -18.40 5.35 -6.95
C GLU A 39 -17.44 4.16 -6.96
N CYS A 40 -17.91 3.00 -6.50
CA CYS A 40 -17.27 1.68 -6.71
C CYS A 40 -17.95 1.07 -7.91
N ARG A 41 -17.45 1.37 -9.11
CA ARG A 41 -18.15 1.14 -10.39
C ARG A 41 -18.48 -0.34 -10.53
N GLU A 42 -19.64 -0.66 -11.06
CA GLU A 42 -20.09 -2.05 -11.15
C GLU A 42 -19.40 -2.63 -12.40
N LYS A 43 -18.93 -3.88 -12.33
CA LYS A 43 -18.36 -4.58 -13.52
C LYS A 43 -19.39 -5.55 -14.10
N LYS A 44 -20.16 -5.06 -15.08
CA LYS A 44 -21.46 -5.60 -15.57
C LYS A 44 -21.20 -6.51 -16.78
N LYS A 54 -16.81 -11.97 -6.24
CA LYS A 54 -17.95 -11.00 -6.37
C LYS A 54 -18.05 -10.16 -5.09
N TYR A 55 -17.69 -8.89 -5.13
CA TYR A 55 -17.82 -7.92 -4.03
C TYR A 55 -19.03 -7.02 -4.31
N GLU A 56 -20.25 -7.49 -4.05
CA GLU A 56 -21.44 -6.78 -4.56
C GLU A 56 -21.77 -5.53 -3.73
N GLU A 57 -21.22 -5.37 -2.55
CA GLU A 57 -21.57 -4.23 -1.66
C GLU A 57 -20.33 -3.76 -0.93
N THR A 58 -20.22 -2.47 -0.63
CA THR A 58 -18.96 -1.85 -0.13
C THR A 58 -19.31 -1.14 1.16
N VAL A 59 -18.47 -1.29 2.16
CA VAL A 59 -18.48 -0.47 3.38
C VAL A 59 -17.88 0.89 3.04
N PHE A 60 -18.63 1.98 3.18
CA PHE A 60 -18.07 3.32 3.01
C PHE A 60 -17.37 3.71 4.33
N TYR A 61 -16.06 3.79 4.33
CA TYR A 61 -15.30 4.18 5.54
C TYR A 61 -14.03 4.89 5.11
N GLY A 62 -13.65 5.94 5.83
CA GLY A 62 -12.30 6.53 5.72
C GLY A 62 -12.30 8.00 5.36
N LEU A 63 -13.38 8.54 4.79
CA LEU A 63 -13.37 9.94 4.26
C LEU A 63 -13.07 10.89 5.45
N GLN A 64 -13.67 10.63 6.61
CA GLN A 64 -13.59 11.57 7.77
C GLN A 64 -12.10 11.79 8.15
N TYR A 65 -11.28 10.74 8.13
CA TYR A 65 -9.81 10.83 8.39
C TYR A 65 -9.20 11.88 7.45
N ILE A 66 -9.50 11.74 6.15
CA ILE A 66 -8.94 12.63 5.10
C ILE A 66 -9.42 14.06 5.31
N LEU A 67 -10.73 14.27 5.52
CA LEU A 67 -11.28 15.63 5.74
C LEU A 67 -10.52 16.36 6.87
N ASN A 68 -10.33 15.68 7.99
CA ASN A 68 -9.72 16.28 9.21
C ASN A 68 -8.19 16.38 9.05
N LYS A 69 -7.52 15.34 8.55
CA LYS A 69 -6.03 15.38 8.53
C LYS A 69 -5.53 16.37 7.47
N TYR A 70 -6.23 16.49 6.33
CA TYR A 70 -5.67 17.13 5.10
C TYR A 70 -6.51 18.29 4.52
N LEU A 71 -7.86 18.31 4.69
CA LEU A 71 -8.70 19.29 3.93
C LEU A 71 -9.20 20.44 4.79
N LYS A 72 -9.28 20.31 6.10
CA LYS A 72 -10.07 21.29 6.88
C LYS A 72 -9.15 22.42 7.33
N GLY A 73 -9.75 23.57 7.64
CA GLY A 73 -9.08 24.72 8.27
C GLY A 73 -8.29 25.48 7.24
N LYS A 74 -7.31 26.22 7.71
CA LYS A 74 -6.43 27.05 6.86
C LYS A 74 -5.42 26.14 6.17
N VAL A 75 -5.65 25.73 4.94
CA VAL A 75 -4.73 24.76 4.25
C VAL A 75 -3.82 25.49 3.27
N VAL A 76 -4.00 26.79 3.11
CA VAL A 76 -3.18 27.62 2.18
C VAL A 76 -2.51 28.71 3.00
N THR A 77 -1.22 28.90 2.82
CA THR A 77 -0.46 30.08 3.29
C THR A 77 0.41 30.66 2.17
N LYS A 78 0.90 31.89 2.38
CA LYS A 78 1.85 32.58 1.49
C LYS A 78 3.01 31.65 1.20
N GLU A 79 3.56 31.06 2.27
CA GLU A 79 4.74 30.18 2.21
C GLU A 79 4.43 28.94 1.36
N LYS A 80 3.24 28.33 1.53
CA LYS A 80 2.88 27.10 0.77
C LYS A 80 2.75 27.43 -0.72
N ILE A 81 2.23 28.61 -1.04
CA ILE A 81 2.01 28.99 -2.46
C ILE A 81 3.39 29.16 -3.11
N GLN A 82 4.35 29.80 -2.42
CA GLN A 82 5.69 30.08 -2.97
C GLN A 82 6.49 28.77 -3.10
N GLU A 83 6.40 27.87 -2.12
CA GLU A 83 7.08 26.56 -2.17
C GLU A 83 6.57 25.85 -3.43
N ALA A 84 5.26 25.79 -3.63
CA ALA A 84 4.64 25.08 -4.77
C ALA A 84 5.08 25.72 -6.07
N LYS A 85 5.07 27.05 -6.12
CA LYS A 85 5.52 27.82 -7.30
C LYS A 85 6.93 27.36 -7.66
N ASP A 86 7.84 27.30 -6.69
CA ASP A 86 9.29 27.06 -6.92
C ASP A 86 9.49 25.60 -7.39
N VAL A 87 8.74 24.67 -6.83
CA VAL A 87 8.85 23.22 -7.16
C VAL A 87 8.32 23.02 -8.60
N TYR A 88 7.13 23.54 -8.89
CA TYR A 88 6.45 23.34 -10.19
C TYR A 88 7.24 24.01 -11.32
N LYS A 89 7.89 25.14 -11.05
CA LYS A 89 8.79 25.78 -12.04
C LYS A 89 9.80 24.75 -12.59
N GLU A 90 10.46 24.04 -11.67
CA GLU A 90 11.51 23.07 -12.05
C GLU A 90 10.85 21.80 -12.60
N HIS A 91 9.76 21.36 -11.98
CA HIS A 91 9.14 20.05 -12.30
C HIS A 91 8.64 20.06 -13.73
N PHE A 92 8.02 21.18 -14.17
CA PHE A 92 7.46 21.38 -15.53
C PHE A 92 8.44 22.11 -16.46
N GLN A 93 9.54 22.61 -15.94
CA GLN A 93 10.46 23.43 -16.79
C GLN A 93 9.63 24.58 -17.38
N ASP A 94 8.72 25.18 -16.60
CA ASP A 94 7.72 26.18 -17.12
C ASP A 94 6.88 26.66 -15.94
N ASP A 95 6.22 27.83 -16.03
CA ASP A 95 5.67 28.49 -14.83
C ASP A 95 4.15 28.29 -14.75
N VAL A 96 3.62 27.21 -15.30
CA VAL A 96 2.15 26.92 -15.48
C VAL A 96 1.33 26.92 -14.17
N PHE A 97 1.90 27.00 -13.00
CA PHE A 97 1.13 26.99 -11.71
C PHE A 97 0.13 28.15 -11.54
N ASN A 98 -1.10 27.84 -11.05
CA ASN A 98 -2.21 28.82 -10.88
C ASN A 98 -2.08 29.61 -9.56
N GLU A 99 -1.02 30.41 -9.44
CA GLU A 99 -0.71 31.18 -8.24
C GLU A 99 -1.87 32.14 -7.93
N LYS A 100 -2.47 32.77 -8.92
CA LYS A 100 -3.59 33.73 -8.69
C LYS A 100 -4.78 32.99 -8.05
N GLY A 101 -5.11 31.80 -8.56
CA GLY A 101 -6.26 31.03 -8.05
C GLY A 101 -6.09 30.64 -6.59
N TRP A 102 -4.88 30.24 -6.20
CA TRP A 102 -4.56 29.85 -4.81
C TRP A 102 -4.47 31.09 -3.93
N ASN A 103 -3.95 32.20 -4.45
CA ASN A 103 -3.98 33.48 -3.69
C ASN A 103 -5.40 33.93 -3.41
N TYR A 104 -6.33 33.68 -4.33
CA TYR A 104 -7.75 34.06 -4.18
C TYR A 104 -8.33 33.38 -2.92
N ILE A 105 -8.11 32.08 -2.80
CA ILE A 105 -8.55 31.27 -1.63
C ILE A 105 -7.92 31.81 -0.35
N LEU A 106 -6.63 32.06 -0.34
CA LEU A 106 -5.93 32.61 0.85
C LEU A 106 -6.56 33.95 1.22
N GLU A 107 -6.77 34.87 0.30
CA GLU A 107 -7.23 36.22 0.69
C GLU A 107 -8.73 36.26 0.98
N LYS A 108 -9.57 35.59 0.18
CA LYS A 108 -11.04 35.63 0.36
C LYS A 108 -11.48 34.72 1.52
N TYR A 109 -10.85 33.58 1.78
CA TYR A 109 -11.37 32.56 2.74
C TYR A 109 -10.32 32.21 3.79
N ASP A 110 -9.31 33.05 4.00
CA ASP A 110 -8.24 32.79 5.00
C ASP A 110 -7.72 31.35 4.81
N GLY A 111 -7.59 30.93 3.55
CA GLY A 111 -6.95 29.66 3.18
C GLY A 111 -7.83 28.45 3.42
N HIS A 112 -9.14 28.64 3.66
CA HIS A 112 -10.14 27.55 3.78
C HIS A 112 -10.69 27.18 2.38
N LEU A 113 -10.79 25.89 2.07
CA LEU A 113 -11.24 25.44 0.72
C LEU A 113 -12.71 25.73 0.50
N PRO A 114 -13.11 26.50 -0.54
CA PRO A 114 -14.52 26.69 -0.85
C PRO A 114 -15.08 25.51 -1.65
N ILE A 115 -15.25 24.43 -0.91
CA ILE A 115 -15.67 23.09 -1.38
C ILE A 115 -16.83 22.57 -0.51
N GLU A 116 -17.76 21.88 -1.14
CA GLU A 116 -18.83 21.16 -0.45
C GLU A 116 -18.70 19.69 -0.84
N ILE A 117 -18.57 18.84 0.20
CA ILE A 117 -18.54 17.36 0.02
C ILE A 117 -19.77 16.80 0.73
N LYS A 118 -20.57 16.00 0.02
CA LYS A 118 -21.73 15.27 0.56
C LYS A 118 -21.40 13.79 0.46
N ALA A 119 -21.75 13.02 1.48
CA ALA A 119 -21.35 11.59 1.59
C ALA A 119 -22.44 10.77 2.30
N VAL A 120 -22.55 9.52 1.88
CA VAL A 120 -23.32 8.49 2.61
C VAL A 120 -22.66 8.37 4.00
N PRO A 121 -23.41 8.10 5.08
CA PRO A 121 -22.82 7.95 6.41
C PRO A 121 -21.77 6.82 6.45
N GLU A 122 -20.70 7.05 7.20
CA GLU A 122 -19.61 6.06 7.32
C GLU A 122 -20.16 4.78 7.99
N GLY A 123 -19.65 3.63 7.55
CA GLY A 123 -20.16 2.30 7.93
C GLY A 123 -21.30 1.82 7.05
N PHE A 124 -21.95 2.71 6.29
CA PHE A 124 -23.05 2.26 5.41
C PHE A 124 -22.54 1.20 4.47
N VAL A 125 -23.38 0.25 4.17
CA VAL A 125 -23.08 -0.87 3.27
C VAL A 125 -23.90 -0.72 2.00
N ILE A 126 -23.27 -0.37 0.88
CA ILE A 126 -23.95 0.13 -0.36
C ILE A 126 -23.57 -0.79 -1.51
N PRO A 127 -24.54 -1.21 -2.36
CA PRO A 127 -24.24 -1.96 -3.58
C PRO A 127 -23.36 -1.17 -4.54
N ARG A 128 -22.56 -1.90 -5.34
CA ARG A 128 -21.73 -1.38 -6.42
C ARG A 128 -22.57 -0.45 -7.30
N GLY A 129 -21.93 0.61 -7.80
CA GLY A 129 -22.46 1.44 -8.90
C GLY A 129 -23.38 2.53 -8.36
N ASN A 130 -23.15 2.91 -7.11
CA ASN A 130 -23.91 3.98 -6.45
C ASN A 130 -22.98 5.12 -6.07
N VAL A 131 -23.51 6.34 -6.14
CA VAL A 131 -22.79 7.52 -5.62
C VAL A 131 -22.56 7.32 -4.13
N LEU A 132 -21.31 7.46 -3.69
CA LEU A 132 -20.94 7.43 -2.26
C LEU A 132 -20.64 8.86 -1.75
N PHE A 133 -19.93 9.66 -2.52
CA PHE A 133 -19.72 11.09 -2.17
C PHE A 133 -19.63 11.94 -3.44
N THR A 134 -19.97 13.21 -3.24
CA THR A 134 -19.91 14.27 -4.29
C THR A 134 -19.06 15.41 -3.78
N VAL A 135 -18.46 16.11 -4.73
CA VAL A 135 -17.57 17.27 -4.48
C VAL A 135 -17.91 18.36 -5.50
N GLU A 136 -17.99 19.60 -5.05
CA GLU A 136 -18.29 20.80 -5.90
C GLU A 136 -17.74 22.04 -5.22
N ASN A 137 -17.32 22.98 -6.05
CA ASN A 137 -16.82 24.30 -5.59
C ASN A 137 -18.02 25.16 -5.19
N THR A 138 -17.86 25.96 -4.13
CA THR A 138 -18.92 26.87 -3.63
C THR A 138 -18.69 28.29 -4.10
N ASP A 139 -17.55 28.56 -4.72
CA ASP A 139 -17.25 29.89 -5.31
C ASP A 139 -16.91 29.68 -6.79
N PRO A 140 -17.50 30.46 -7.72
CA PRO A 140 -17.25 30.29 -9.16
C PRO A 140 -15.78 30.39 -9.53
N GLU A 141 -15.04 31.25 -8.84
CA GLU A 141 -13.58 31.41 -9.05
C GLU A 141 -12.83 30.08 -8.90
N CYS A 142 -13.37 29.13 -8.11
CA CYS A 142 -12.64 27.91 -7.69
C CYS A 142 -13.19 26.67 -8.37
N TYR A 143 -13.74 26.80 -9.55
CA TYR A 143 -14.16 25.69 -10.44
C TYR A 143 -13.06 24.65 -10.60
N TRP A 144 -11.78 25.06 -10.60
CA TRP A 144 -10.61 24.17 -10.83
C TRP A 144 -10.34 23.33 -9.59
N LEU A 145 -10.89 23.71 -8.43
CA LEU A 145 -10.46 23.13 -7.13
C LEU A 145 -11.11 21.76 -6.92
N THR A 146 -12.32 21.58 -7.45
CA THR A 146 -13.09 20.32 -7.32
C THR A 146 -12.18 19.13 -7.67
N ASN A 147 -11.53 19.19 -8.82
CA ASN A 147 -10.75 18.03 -9.32
C ASN A 147 -9.27 18.11 -8.90
N TRP A 148 -8.79 19.22 -8.40
CA TRP A 148 -7.47 19.30 -7.73
C TRP A 148 -7.38 18.20 -6.66
N ILE A 149 -8.45 18.08 -5.87
CA ILE A 149 -8.48 17.23 -4.66
C ILE A 149 -8.99 15.84 -5.00
N GLU A 150 -9.14 15.50 -6.27
CA GLU A 150 -9.47 14.11 -6.69
C GLU A 150 -8.43 13.15 -6.11
N THR A 151 -7.15 13.47 -6.22
CA THR A 151 -6.10 12.47 -5.92
C THR A 151 -6.18 12.12 -4.45
N ILE A 152 -6.28 13.12 -3.61
CA ILE A 152 -6.26 12.87 -2.14
C ILE A 152 -7.55 12.15 -1.74
N LEU A 153 -8.69 12.49 -2.35
CA LEU A 153 -9.99 11.91 -1.95
C LEU A 153 -10.05 10.50 -2.48
N VAL A 154 -9.45 10.23 -3.64
CA VAL A 154 -9.59 8.88 -4.26
C VAL A 154 -8.82 7.83 -3.41
N GLN A 155 -7.88 8.27 -2.58
CA GLN A 155 -7.14 7.38 -1.64
C GLN A 155 -8.12 6.76 -0.59
N SER A 156 -9.35 7.26 -0.52
CA SER A 156 -10.41 6.62 0.29
C SER A 156 -10.68 5.20 -0.28
N TRP A 157 -10.22 4.88 -1.50
CA TRP A 157 -10.39 3.51 -2.02
C TRP A 157 -9.87 2.48 -0.97
N TYR A 158 -8.81 2.88 -0.28
CA TYR A 158 -8.00 1.94 0.51
C TYR A 158 -8.79 1.56 1.75
N PRO A 159 -9.16 2.50 2.65
CA PRO A 159 -9.99 2.10 3.79
C PRO A 159 -11.31 1.48 3.34
N ILE A 160 -11.92 1.92 2.27
CA ILE A 160 -13.17 1.27 1.80
C ILE A 160 -12.89 -0.20 1.42
N THR A 161 -11.80 -0.46 0.71
CA THR A 161 -11.54 -1.82 0.19
C THR A 161 -11.09 -2.74 1.35
N VAL A 162 -10.31 -2.23 2.31
CA VAL A 162 -9.87 -3.05 3.51
C VAL A 162 -11.12 -3.39 4.34
N ALA A 163 -12.01 -2.40 4.57
CA ALA A 163 -13.25 -2.61 5.38
C ALA A 163 -14.14 -3.63 4.66
N THR A 164 -14.31 -3.48 3.36
CA THR A 164 -15.18 -4.34 2.54
C THR A 164 -14.62 -5.76 2.54
N ASN A 165 -13.35 -5.93 2.22
CA ASN A 165 -12.74 -7.28 2.16
C ASN A 165 -12.71 -7.94 3.56
N SER A 166 -12.48 -7.18 4.61
CA SER A 166 -12.53 -7.71 5.99
C SER A 166 -13.97 -8.17 6.26
N ARG A 167 -14.98 -7.40 5.91
CA ARG A 167 -16.41 -7.75 6.10
C ARG A 167 -16.79 -9.01 5.32
N GLU A 168 -16.30 -9.17 4.09
CA GLU A 168 -16.68 -10.38 3.33
C GLU A 168 -16.07 -11.60 4.01
N GLN A 169 -14.95 -11.42 4.68
CA GLN A 169 -14.30 -12.57 5.39
C GLN A 169 -15.13 -12.88 6.64
N LYS A 170 -15.58 -11.86 7.35
CA LYS A 170 -16.53 -12.02 8.49
C LYS A 170 -17.78 -12.79 8.03
N LYS A 171 -18.27 -12.56 6.82
CA LYS A 171 -19.49 -13.27 6.34
C LYS A 171 -19.20 -14.76 6.21
N ILE A 172 -18.03 -15.10 5.70
CA ILE A 172 -17.63 -16.52 5.48
C ILE A 172 -17.51 -17.21 6.85
N LEU A 173 -16.87 -16.53 7.80
CA LEU A 173 -16.60 -17.05 9.14
C LEU A 173 -17.96 -17.19 9.82
N ALA A 174 -18.85 -16.21 9.62
CA ALA A 174 -20.21 -16.24 10.24
C ALA A 174 -20.98 -17.49 9.78
N LYS A 175 -21.00 -17.73 8.48
CA LYS A 175 -21.73 -18.85 7.88
C LYS A 175 -21.22 -20.16 8.47
N TYR A 176 -19.92 -20.38 8.48
CA TYR A 176 -19.32 -21.69 8.85
C TYR A 176 -19.39 -21.91 10.37
N LEU A 177 -19.18 -20.86 11.16
CA LEU A 177 -19.30 -20.91 12.64
C LEU A 177 -20.76 -21.22 13.02
N LEU A 178 -21.75 -20.57 12.38
CA LEU A 178 -23.18 -20.83 12.68
C LEU A 178 -23.50 -22.27 12.30
N GLU A 179 -23.01 -22.72 11.15
CA GLU A 179 -23.31 -24.08 10.69
C GLU A 179 -22.65 -25.15 11.57
N THR A 180 -21.40 -24.99 11.99
CA THR A 180 -20.71 -26.05 12.74
C THR A 180 -20.89 -25.93 14.26
N SER A 181 -21.39 -24.82 14.82
CA SER A 181 -21.50 -24.61 16.29
C SER A 181 -22.93 -24.24 16.73
N GLY A 182 -23.72 -23.63 15.86
CA GLY A 182 -25.07 -23.14 16.21
C GLY A 182 -25.07 -21.77 16.86
N ASN A 183 -23.94 -21.07 16.91
CA ASN A 183 -23.93 -19.63 17.30
C ASN A 183 -22.75 -18.91 16.61
N LEU A 184 -22.62 -17.63 16.97
CA LEU A 184 -21.57 -16.75 16.44
C LEU A 184 -20.64 -16.30 17.56
N ASP A 185 -20.57 -17.03 18.67
CA ASP A 185 -19.73 -16.61 19.82
C ASP A 185 -18.26 -16.49 19.38
N GLY A 186 -17.61 -15.37 19.70
CA GLY A 186 -16.21 -15.17 19.35
C GLY A 186 -15.98 -14.76 17.89
N LEU A 187 -17.03 -14.48 17.10
CA LEU A 187 -16.90 -14.15 15.65
C LEU A 187 -16.00 -12.91 15.49
N GLU A 188 -16.15 -11.91 16.35
CA GLU A 188 -15.41 -10.64 16.25
C GLU A 188 -13.92 -10.80 16.60
N TYR A 189 -13.43 -11.99 16.96
CA TYR A 189 -12.00 -12.26 17.30
C TYR A 189 -11.48 -13.36 16.37
N LYS A 190 -12.17 -13.68 15.30
CA LYS A 190 -11.77 -14.85 14.48
C LYS A 190 -10.73 -14.47 13.42
N LEU A 191 -10.57 -13.18 13.09
CA LEU A 191 -9.64 -12.73 12.02
C LEU A 191 -8.78 -11.61 12.63
N HIS A 192 -7.54 -11.95 12.99
CA HIS A 192 -6.60 -11.04 13.67
C HIS A 192 -5.69 -10.41 12.60
N ASP A 193 -5.46 -9.12 12.72
CA ASP A 193 -4.58 -8.32 11.83
C ASP A 193 -3.12 -8.54 12.26
N PHE A 194 -2.37 -9.16 11.37
CA PHE A 194 -0.91 -9.47 11.42
C PHE A 194 -0.10 -8.58 10.44
N GLY A 195 -0.69 -7.55 9.88
CA GLY A 195 -0.23 -6.92 8.63
C GLY A 195 0.71 -5.74 8.85
N TYR A 196 1.10 -5.39 10.10
CA TYR A 196 1.86 -4.11 10.32
C TYR A 196 3.16 -4.09 9.47
N ARG A 197 3.90 -5.18 9.43
CA ARG A 197 5.19 -5.23 8.70
C ARG A 197 4.97 -5.31 7.18
N GLY A 198 3.79 -5.79 6.76
CA GLY A 198 3.44 -6.19 5.38
C GLY A 198 2.84 -5.07 4.58
N VAL A 199 2.66 -3.90 5.17
CA VAL A 199 2.12 -2.71 4.47
C VAL A 199 3.27 -1.78 4.05
N SER A 200 2.90 -0.79 3.25
CA SER A 200 3.87 0.03 2.52
C SER A 200 4.35 1.20 3.40
N SER A 201 3.71 1.50 4.50
CA SER A 201 4.10 2.68 5.33
C SER A 201 3.43 2.60 6.70
N GLN A 202 3.92 3.42 7.62
CA GLN A 202 3.29 3.72 8.91
C GLN A 202 1.87 4.27 8.69
N GLU A 203 1.72 5.28 7.81
CA GLU A 203 0.40 5.91 7.63
C GLU A 203 -0.58 4.85 7.15
N THR A 204 -0.19 4.05 6.17
CA THR A 204 -1.02 2.95 5.67
C THR A 204 -1.40 1.97 6.78
N ALA A 205 -0.45 1.54 7.61
CA ALA A 205 -0.70 0.62 8.75
C ALA A 205 -1.90 1.14 9.53
N GLY A 206 -1.88 2.42 9.94
CA GLY A 206 -2.94 2.98 10.79
C GLY A 206 -4.27 2.99 10.08
N ILE A 207 -4.31 3.40 8.83
CA ILE A 207 -5.58 3.49 8.08
C ILE A 207 -6.14 2.07 7.86
N GLY A 208 -5.29 1.14 7.39
CA GLY A 208 -5.76 -0.22 7.05
C GLY A 208 -6.21 -0.95 8.31
N ALA A 209 -5.47 -0.80 9.41
CA ALA A 209 -5.79 -1.47 10.69
C ALA A 209 -7.14 -0.96 11.17
N SER A 210 -7.36 0.35 11.11
CA SER A 210 -8.63 0.97 11.52
C SER A 210 -9.78 0.42 10.69
N ALA A 211 -9.56 0.17 9.41
CA ALA A 211 -10.62 -0.33 8.49
C ALA A 211 -11.00 -1.78 8.88
N HIS A 212 -10.00 -2.58 9.19
CA HIS A 212 -10.27 -3.97 9.68
C HIS A 212 -11.10 -3.98 10.99
N LEU A 213 -10.86 -3.03 11.90
CA LEU A 213 -11.54 -2.91 13.21
C LEU A 213 -12.98 -2.41 13.07
N VAL A 214 -13.39 -2.02 11.88
CA VAL A 214 -14.83 -1.80 11.61
C VAL A 214 -15.57 -3.12 11.85
N ASN A 215 -14.91 -4.25 11.54
CA ASN A 215 -15.59 -5.57 11.52
C ASN A 215 -15.14 -6.53 12.65
N PHE A 216 -13.94 -6.39 13.15
CA PHE A 216 -13.31 -7.31 14.13
C PHE A 216 -12.71 -6.49 15.27
N LYS A 217 -12.24 -7.15 16.32
CA LYS A 217 -11.69 -6.49 17.55
C LYS A 217 -10.25 -6.89 17.79
N GLY A 218 -9.71 -7.84 17.02
CA GLY A 218 -8.35 -8.37 17.26
C GLY A 218 -7.33 -7.78 16.29
N THR A 219 -6.35 -7.10 16.83
CA THR A 219 -5.28 -6.47 16.00
C THR A 219 -3.94 -6.55 16.71
N ASP A 220 -2.86 -6.73 15.93
CA ASP A 220 -1.48 -6.46 16.35
C ASP A 220 -1.00 -5.17 15.71
N THR A 221 -1.79 -4.58 14.81
CA THR A 221 -1.34 -3.36 14.12
C THR A 221 -1.67 -2.14 14.98
N VAL A 222 -0.82 -1.88 15.98
CA VAL A 222 -1.02 -0.86 17.07
C VAL A 222 -1.44 0.52 16.51
N ALA A 223 -0.79 0.94 15.43
CA ALA A 223 -1.04 2.21 14.69
C ALA A 223 -2.54 2.49 14.52
N GLY A 224 -3.37 1.50 14.19
CA GLY A 224 -4.83 1.69 14.09
C GLY A 224 -5.51 2.28 15.34
N LEU A 225 -5.03 1.97 16.52
CA LEU A 225 -5.69 2.41 17.80
C LEU A 225 -5.66 3.95 17.88
N ALA A 226 -4.52 4.61 17.68
CA ALA A 226 -4.42 6.09 17.85
C ALA A 226 -5.24 6.78 16.75
N LEU A 227 -5.29 6.20 15.55
CA LEU A 227 -6.04 6.83 14.43
C LEU A 227 -7.52 6.88 14.81
N ILE A 228 -8.03 5.78 15.35
CA ILE A 228 -9.47 5.69 15.73
C ILE A 228 -9.72 6.73 16.83
N LYS A 229 -8.90 6.75 17.87
CA LYS A 229 -9.13 7.66 19.01
C LYS A 229 -9.08 9.13 18.53
N LYS A 230 -8.14 9.50 17.64
CA LYS A 230 -7.97 10.92 17.22
C LYS A 230 -9.08 11.35 16.23
N TYR A 231 -9.54 10.48 15.34
CA TYR A 231 -10.40 10.86 14.18
C TYR A 231 -11.84 10.41 14.33
N TYR A 232 -12.14 9.38 15.12
CA TYR A 232 -13.49 8.75 15.15
C TYR A 232 -14.02 8.67 16.58
N GLY A 233 -13.29 7.99 17.45
CA GLY A 233 -13.61 7.88 18.89
C GLY A 233 -14.47 6.65 19.15
N THR A 234 -14.24 6.02 20.29
CA THR A 234 -15.00 4.87 20.83
C THR A 234 -15.28 5.15 22.32
N LYS A 235 -16.43 4.66 22.80
CA LYS A 235 -16.86 4.69 24.23
C LYS A 235 -15.88 3.83 25.03
N ASP A 236 -15.49 2.69 24.45
CA ASP A 236 -14.51 1.77 25.08
C ASP A 236 -13.14 2.44 25.08
N PRO A 237 -12.27 2.11 26.07
CA PRO A 237 -10.92 2.66 26.12
C PRO A 237 -10.13 2.46 24.82
N VAL A 238 -10.19 1.27 24.23
CA VAL A 238 -9.48 0.95 22.96
C VAL A 238 -10.41 0.18 22.05
N PRO A 239 -10.24 0.37 20.73
CA PRO A 239 -11.05 -0.33 19.72
C PRO A 239 -10.59 -1.76 19.40
N GLY A 240 -9.44 -2.18 19.90
CA GLY A 240 -8.88 -3.48 19.47
C GLY A 240 -7.91 -4.02 20.49
N TYR A 241 -7.74 -5.32 20.42
CA TYR A 241 -7.16 -6.08 21.54
C TYR A 241 -6.15 -7.09 21.00
N SER A 242 -5.23 -7.50 21.87
CA SER A 242 -4.29 -8.58 21.52
C SER A 242 -4.02 -9.48 22.72
N VAL A 243 -3.28 -10.54 22.46
CA VAL A 243 -2.78 -11.47 23.49
C VAL A 243 -1.29 -11.67 23.28
N PRO A 244 -0.59 -12.13 24.33
CA PRO A 244 0.82 -12.45 24.18
C PRO A 244 1.01 -13.59 23.15
N ALA A 245 2.11 -13.54 22.43
CA ALA A 245 2.37 -14.53 21.38
C ALA A 245 3.88 -14.55 21.17
N ALA A 246 4.40 -15.71 20.78
CA ALA A 246 5.80 -15.92 20.42
C ALA A 246 6.03 -15.60 18.95
N GLU A 247 7.29 -15.38 18.60
CA GLU A 247 7.77 -15.27 17.20
C GLU A 247 8.90 -16.27 17.04
N HIS A 248 9.36 -16.52 15.82
CA HIS A 248 10.50 -17.48 15.63
C HIS A 248 11.70 -17.07 16.48
N SER A 249 12.00 -15.78 16.60
CA SER A 249 13.17 -15.34 17.41
C SER A 249 13.04 -15.83 18.85
N THR A 250 11.86 -15.80 19.50
CA THR A 250 11.72 -16.15 20.95
C THR A 250 11.73 -17.68 21.17
N ILE A 251 11.50 -18.49 20.13
CA ILE A 251 11.69 -19.97 20.18
C ILE A 251 13.14 -20.32 19.79
N THR A 252 13.60 -19.89 18.61
CA THR A 252 14.88 -20.38 18.06
C THR A 252 16.04 -19.88 18.92
N ALA A 253 15.87 -18.80 19.68
CA ALA A 253 16.95 -18.19 20.52
C ALA A 253 17.45 -19.19 21.58
N TRP A 254 16.62 -20.17 21.97
CA TRP A 254 16.91 -21.22 22.99
C TRP A 254 17.87 -22.27 22.42
N GLY A 255 17.96 -22.33 21.09
CA GLY A 255 18.76 -23.34 20.38
C GLY A 255 17.87 -24.45 19.85
N LYS A 256 18.32 -25.06 18.75
CA LYS A 256 17.58 -26.10 18.01
C LYS A 256 17.23 -27.25 18.94
N ASP A 257 18.04 -27.57 19.97
CA ASP A 257 17.79 -28.73 20.85
C ASP A 257 16.95 -28.35 22.07
N HIS A 258 16.41 -27.14 22.16
CA HIS A 258 15.72 -26.68 23.38
C HIS A 258 14.35 -26.08 23.05
N GLU A 259 13.75 -26.46 21.93
CA GLU A 259 12.39 -25.97 21.54
C GLU A 259 11.45 -26.24 22.74
N LYS A 260 11.65 -27.38 23.42
CA LYS A 260 10.72 -27.78 24.50
C LYS A 260 10.88 -26.80 25.66
N ASP A 261 12.13 -26.48 26.03
CA ASP A 261 12.44 -25.44 27.06
C ASP A 261 11.79 -24.10 26.71
N ALA A 262 11.88 -23.65 25.45
CA ALA A 262 11.25 -22.37 25.04
C ALA A 262 9.74 -22.47 25.30
N PHE A 263 9.10 -23.54 24.83
CA PHE A 263 7.62 -23.67 24.93
C PHE A 263 7.23 -23.61 26.42
N GLU A 264 7.98 -24.34 27.24
CA GLU A 264 7.64 -24.48 28.67
C GLU A 264 7.75 -23.11 29.36
N HIS A 265 8.84 -22.39 29.11
CA HIS A 265 9.09 -21.08 29.75
C HIS A 265 7.98 -20.11 29.29
N ILE A 266 7.58 -20.18 28.03
CA ILE A 266 6.63 -19.18 27.49
C ILE A 266 5.25 -19.43 28.06
N VAL A 267 4.77 -20.68 28.06
CA VAL A 267 3.39 -20.97 28.58
C VAL A 267 3.38 -20.74 30.09
N THR A 268 4.51 -20.91 30.78
CA THR A 268 4.63 -20.71 32.25
C THR A 268 4.66 -19.21 32.55
N GLN A 269 5.39 -18.40 31.76
CA GLN A 269 5.38 -16.93 31.88
C GLN A 269 3.95 -16.43 31.69
N PHE A 270 3.18 -16.99 30.75
CA PHE A 270 1.83 -16.49 30.42
C PHE A 270 0.82 -17.59 30.83
N SER A 271 0.88 -18.05 32.10
CA SER A 271 0.08 -19.16 32.68
C SER A 271 -1.39 -18.77 32.73
N SER A 272 -1.69 -17.49 32.90
CA SER A 272 -3.00 -16.99 33.35
C SER A 272 -3.66 -16.14 32.27
N VAL A 273 -3.05 -16.01 31.10
CA VAL A 273 -3.71 -15.28 29.98
C VAL A 273 -3.60 -16.17 28.76
N PRO A 274 -4.35 -15.89 27.69
CA PRO A 274 -4.20 -16.64 26.46
C PRO A 274 -2.80 -16.44 25.87
N VAL A 275 -2.26 -17.45 25.20
CA VAL A 275 -0.87 -17.29 24.68
C VAL A 275 -0.73 -18.12 23.44
N SER A 276 -0.25 -17.46 22.38
CA SER A 276 -0.11 -18.08 21.04
C SER A 276 1.36 -18.48 20.91
N VAL A 277 1.63 -19.68 20.43
CA VAL A 277 3.01 -20.18 20.40
C VAL A 277 3.28 -20.82 19.05
N VAL A 278 4.08 -20.09 18.27
CA VAL A 278 4.47 -20.56 16.92
C VAL A 278 5.24 -21.85 17.11
N SER A 279 4.82 -22.89 16.40
CA SER A 279 5.23 -24.29 16.70
C SER A 279 5.88 -24.95 15.49
N ASP A 280 6.20 -24.19 14.40
CA ASP A 280 6.72 -24.80 13.16
C ASP A 280 8.20 -24.48 12.97
N SER A 281 8.94 -24.02 13.99
CA SER A 281 10.37 -23.63 13.82
C SER A 281 11.15 -24.76 13.14
N TYR A 282 10.91 -26.02 13.51
CA TYR A 282 11.70 -27.17 12.99
C TYR A 282 10.73 -28.16 12.37
N ASP A 283 9.73 -28.58 13.15
CA ASP A 283 8.74 -29.59 12.71
C ASP A 283 7.45 -29.41 13.50
N ILE A 284 6.50 -28.72 12.91
CA ILE A 284 5.14 -28.46 13.44
C ILE A 284 4.45 -29.75 13.93
N TYR A 285 4.53 -30.83 13.16
CA TYR A 285 3.82 -32.10 13.47
C TYR A 285 4.45 -32.78 14.69
N ASN A 286 5.77 -32.79 14.79
CA ASN A 286 6.48 -33.26 16.00
C ASN A 286 6.16 -32.36 17.20
N ALA A 287 6.13 -31.04 17.01
CA ALA A 287 5.84 -30.10 18.12
C ALA A 287 4.43 -30.42 18.65
N CYS A 288 3.46 -30.62 17.76
CA CYS A 288 2.05 -30.87 18.19
C CYS A 288 1.96 -32.23 18.88
N GLU A 289 2.54 -33.27 18.30
CA GLU A 289 2.27 -34.67 18.71
C GLU A 289 3.16 -35.02 19.91
N LYS A 290 4.43 -34.65 19.89
CA LYS A 290 5.38 -35.08 20.95
C LYS A 290 5.59 -34.01 22.02
N ILE A 291 5.75 -32.74 21.64
CA ILE A 291 6.14 -31.71 22.64
C ILE A 291 4.90 -31.26 23.41
N TRP A 292 3.91 -30.70 22.72
CA TRP A 292 2.62 -30.27 23.33
C TRP A 292 1.84 -31.50 23.77
N GLY A 293 1.74 -32.49 22.90
CA GLY A 293 0.81 -33.62 23.09
C GLY A 293 1.35 -34.66 24.08
N GLU A 294 2.63 -34.62 24.45
CA GLU A 294 3.17 -35.63 25.41
C GLU A 294 4.02 -34.95 26.46
N ASP A 295 5.18 -34.41 26.10
CA ASP A 295 6.16 -33.87 27.07
C ASP A 295 5.54 -32.73 27.91
N LEU A 296 4.73 -31.85 27.32
CA LEU A 296 4.27 -30.58 27.98
C LEU A 296 2.75 -30.62 28.18
N ARG A 297 2.12 -31.75 27.87
CA ARG A 297 0.63 -31.91 27.94
C ARG A 297 0.13 -31.47 29.32
N HIS A 298 0.86 -31.78 30.41
CA HIS A 298 0.49 -31.48 31.83
C HIS A 298 0.39 -29.96 32.07
N LEU A 299 1.11 -29.12 31.32
CA LEU A 299 1.08 -27.64 31.45
C LEU A 299 -0.08 -27.04 30.62
N ILE A 300 -0.66 -27.83 29.71
CA ILE A 300 -1.76 -27.43 28.81
C ILE A 300 -3.06 -27.82 29.47
N VAL A 301 -3.21 -29.06 29.95
CA VAL A 301 -4.59 -29.50 30.36
C VAL A 301 -5.01 -28.83 31.66
N SER A 302 -4.11 -28.15 32.36
CA SER A 302 -4.33 -27.41 33.62
C SER A 302 -4.86 -25.97 33.38
N ARG A 303 -4.82 -25.48 32.14
CA ARG A 303 -5.04 -24.04 31.84
C ARG A 303 -6.53 -23.77 31.83
N SER A 304 -6.91 -22.53 32.15
CA SER A 304 -8.33 -22.11 32.20
C SER A 304 -8.87 -21.83 30.78
N THR A 305 -10.19 -21.87 30.68
CA THR A 305 -11.02 -21.54 29.52
C THR A 305 -10.74 -20.09 29.05
N GLN A 306 -10.33 -19.21 29.98
CA GLN A 306 -10.06 -17.77 29.70
C GLN A 306 -8.62 -17.62 29.21
N ALA A 307 -7.79 -18.67 29.30
CA ALA A 307 -6.32 -18.60 29.08
C ALA A 307 -5.87 -19.80 28.28
N PRO A 308 -6.45 -20.08 27.10
CA PRO A 308 -6.01 -21.24 26.34
C PRO A 308 -4.59 -21.05 25.78
N LEU A 309 -3.89 -22.16 25.57
CA LEU A 309 -2.81 -22.29 24.58
C LEU A 309 -3.41 -22.21 23.18
N ILE A 310 -2.86 -21.33 22.35
CA ILE A 310 -3.18 -21.32 20.91
C ILE A 310 -1.92 -21.80 20.17
N ILE A 311 -2.00 -22.98 19.55
CA ILE A 311 -0.88 -23.51 18.73
C ILE A 311 -0.95 -22.79 17.39
N ARG A 312 0.18 -22.25 16.94
CA ARG A 312 0.27 -21.50 15.64
C ARG A 312 1.23 -22.22 14.69
N PRO A 313 0.68 -22.97 13.70
CA PRO A 313 1.48 -23.37 12.54
C PRO A 313 1.71 -22.11 11.67
N ASP A 314 2.79 -22.08 10.87
CA ASP A 314 3.19 -20.89 10.09
C ASP A 314 3.85 -21.28 8.78
N SER A 315 3.59 -22.46 8.22
CA SER A 315 4.22 -22.89 6.95
C SER A 315 3.48 -24.10 6.40
N GLY A 316 3.78 -24.45 5.16
CA GLY A 316 3.15 -25.55 4.40
C GLY A 316 1.88 -25.07 3.76
N ASN A 317 1.24 -25.97 3.04
CA ASN A 317 -0.10 -25.74 2.48
C ASN A 317 -1.02 -25.36 3.64
N PRO A 318 -1.66 -24.16 3.64
CA PRO A 318 -2.52 -23.78 4.77
C PRO A 318 -3.65 -24.78 5.11
N LEU A 319 -4.44 -25.26 4.15
CA LEU A 319 -5.52 -26.23 4.45
C LEU A 319 -4.90 -27.52 4.96
N ASP A 320 -3.94 -28.11 4.23
CA ASP A 320 -3.39 -29.44 4.61
C ASP A 320 -2.80 -29.38 6.03
N THR A 321 -2.13 -28.28 6.35
CA THR A 321 -1.39 -28.16 7.61
C THR A 321 -2.41 -28.03 8.74
N VAL A 322 -3.43 -27.20 8.56
CA VAL A 322 -4.50 -27.05 9.60
C VAL A 322 -5.16 -28.41 9.88
N LEU A 323 -5.53 -29.16 8.84
CA LEU A 323 -6.27 -30.43 9.01
C LEU A 323 -5.38 -31.45 9.75
N LYS A 324 -4.10 -31.51 9.43
CA LYS A 324 -3.20 -32.50 10.06
C LYS A 324 -2.90 -32.08 11.49
N VAL A 325 -2.76 -30.79 11.78
CA VAL A 325 -2.58 -30.30 13.17
C VAL A 325 -3.78 -30.72 14.00
N LEU A 326 -5.00 -30.52 13.50
CA LEU A 326 -6.24 -30.89 14.24
C LEU A 326 -6.33 -32.41 14.41
N GLU A 327 -6.01 -33.19 13.36
CA GLU A 327 -5.99 -34.68 13.43
C GLU A 327 -5.02 -35.07 14.57
N ILE A 328 -3.84 -34.48 14.64
CA ILE A 328 -2.85 -34.82 15.70
C ILE A 328 -3.43 -34.46 17.07
N LEU A 329 -3.87 -33.20 17.23
CA LEU A 329 -4.32 -32.71 18.57
C LEU A 329 -5.54 -33.55 19.03
N GLY A 330 -6.40 -33.96 18.09
CA GLY A 330 -7.59 -34.74 18.39
C GLY A 330 -7.25 -36.10 18.95
N LYS A 331 -6.05 -36.62 18.69
CA LYS A 331 -5.60 -37.95 19.21
C LYS A 331 -4.80 -37.81 20.50
N LYS A 332 -4.37 -36.62 20.88
CA LYS A 332 -3.58 -36.45 22.12
C LYS A 332 -4.39 -35.76 23.21
N PHE A 333 -5.55 -35.17 22.87
CA PHE A 333 -6.35 -34.34 23.78
C PHE A 333 -7.79 -34.82 23.73
N PRO A 334 -8.54 -34.66 24.82
CA PRO A 334 -9.94 -35.10 24.85
C PRO A 334 -10.87 -34.24 24.02
N VAL A 335 -11.31 -34.79 22.89
CA VAL A 335 -12.24 -34.11 21.95
C VAL A 335 -13.68 -34.39 22.36
N THR A 336 -14.57 -33.41 22.23
CA THR A 336 -16.02 -33.60 22.37
C THR A 336 -16.66 -33.48 20.99
N GLU A 337 -17.92 -33.92 20.88
CA GLU A 337 -18.74 -33.67 19.68
C GLU A 337 -19.82 -32.71 20.10
N ASN A 338 -19.88 -31.53 19.46
CA ASN A 338 -20.87 -30.50 19.84
C ASN A 338 -22.24 -30.92 19.27
N SER A 339 -23.25 -30.08 19.55
CA SER A 339 -24.66 -30.49 19.40
C SER A 339 -24.97 -30.53 17.90
N LYS A 340 -24.07 -30.00 17.06
CA LYS A 340 -24.23 -30.03 15.59
C LYS A 340 -23.49 -31.24 14.98
N GLY A 341 -22.73 -32.01 15.76
CA GLY A 341 -22.05 -33.22 15.25
C GLY A 341 -20.61 -32.95 14.91
N TYR A 342 -20.10 -31.78 15.27
CA TYR A 342 -18.74 -31.34 14.89
C TYR A 342 -17.83 -31.49 16.10
N LYS A 343 -16.59 -31.81 15.81
CA LYS A 343 -15.57 -32.11 16.84
C LYS A 343 -15.02 -30.81 17.38
N LEU A 344 -14.70 -30.82 18.67
CA LEU A 344 -14.31 -29.63 19.43
C LEU A 344 -13.18 -30.00 20.40
N LEU A 345 -12.03 -29.34 20.26
CA LEU A 345 -10.90 -29.41 21.21
C LEU A 345 -11.35 -28.95 22.58
N PRO A 346 -10.70 -29.39 23.66
CA PRO A 346 -10.98 -28.83 24.97
C PRO A 346 -10.75 -27.33 25.00
N PRO A 347 -11.45 -26.60 25.91
CA PRO A 347 -11.44 -25.15 25.85
C PRO A 347 -10.07 -24.51 26.15
N TYR A 348 -9.14 -25.28 26.68
CA TYR A 348 -7.78 -24.78 27.01
C TYR A 348 -6.89 -24.83 25.76
N LEU A 349 -7.41 -25.30 24.62
CA LEU A 349 -6.59 -25.58 23.40
C LEU A 349 -7.28 -25.04 22.13
N ARG A 350 -6.58 -24.17 21.40
CA ARG A 350 -7.02 -23.62 20.12
C ARG A 350 -5.85 -23.60 19.14
N VAL A 351 -6.17 -23.32 17.89
CA VAL A 351 -5.23 -23.24 16.74
C VAL A 351 -5.44 -21.88 16.08
N ILE A 352 -4.36 -21.24 15.67
CA ILE A 352 -4.49 -20.06 14.78
C ILE A 352 -3.64 -20.36 13.55
N GLN A 353 -4.24 -20.25 12.36
CA GLN A 353 -3.49 -20.26 11.09
CA GLN A 353 -3.49 -20.26 11.08
C GLN A 353 -3.27 -18.80 10.68
N GLY A 354 -2.01 -18.35 10.66
CA GLY A 354 -1.59 -16.94 10.41
C GLY A 354 -0.66 -16.74 9.22
N ASP A 355 -0.57 -17.73 8.32
CA ASP A 355 0.31 -17.78 7.16
C ASP A 355 -0.52 -18.07 5.91
N GLY A 356 -0.33 -17.27 4.85
CA GLY A 356 -1.01 -17.45 3.56
C GLY A 356 -2.53 -17.23 3.62
N VAL A 357 -3.04 -16.49 4.61
CA VAL A 357 -4.51 -16.28 4.73
C VAL A 357 -4.90 -15.04 3.94
N ASP A 358 -5.75 -15.29 2.98
CA ASP A 358 -6.55 -14.23 2.32
C ASP A 358 -7.97 -14.75 2.19
N ILE A 359 -8.83 -13.97 1.52
CA ILE A 359 -10.28 -14.29 1.46
C ILE A 359 -10.46 -15.65 0.77
N ASN A 360 -9.59 -16.03 -0.17
CA ASN A 360 -9.74 -17.32 -0.90
C ASN A 360 -9.29 -18.46 0.01
N THR A 361 -8.16 -18.35 0.70
CA THR A 361 -7.64 -19.51 1.46
C THR A 361 -8.51 -19.68 2.74
N LEU A 362 -9.06 -18.59 3.24
CA LEU A 362 -9.91 -18.61 4.43
C LEU A 362 -11.12 -19.50 4.12
N GLN A 363 -11.72 -19.29 2.98
CA GLN A 363 -12.89 -20.02 2.51
C GLN A 363 -12.52 -21.50 2.37
N GLU A 364 -11.35 -21.76 1.82
CA GLU A 364 -10.89 -23.14 1.57
C GLU A 364 -10.72 -23.89 2.91
N ILE A 365 -10.16 -23.22 3.91
CA ILE A 365 -9.81 -23.83 5.21
C ILE A 365 -11.13 -24.16 5.91
N VAL A 366 -12.08 -23.23 5.98
CA VAL A 366 -13.29 -23.48 6.78
C VAL A 366 -14.14 -24.55 6.07
N GLU A 367 -14.17 -24.58 4.74
CA GLU A 367 -14.92 -25.61 4.01
C GLU A 367 -14.26 -26.97 4.25
N GLY A 368 -12.94 -27.01 4.24
CA GLY A 368 -12.16 -28.23 4.47
C GLY A 368 -12.38 -28.75 5.88
N MET A 369 -12.36 -27.85 6.85
CA MET A 369 -12.65 -28.20 8.26
C MET A 369 -14.06 -28.78 8.33
N LYS A 370 -15.03 -28.13 7.70
CA LYS A 370 -16.42 -28.59 7.72
C LYS A 370 -16.53 -30.01 7.14
N GLN A 371 -15.86 -30.30 6.03
CA GLN A 371 -15.89 -31.63 5.38
C GLN A 371 -15.28 -32.69 6.31
N LYS A 372 -14.32 -32.31 7.11
CA LYS A 372 -13.64 -33.24 8.05
C LYS A 372 -14.32 -33.20 9.44
N MET A 373 -15.48 -32.54 9.59
CA MET A 373 -16.30 -32.56 10.83
C MET A 373 -15.57 -31.84 11.98
N TRP A 374 -14.77 -30.84 11.66
CA TRP A 374 -14.17 -29.94 12.68
C TRP A 374 -14.96 -28.65 12.82
N SER A 375 -15.30 -28.32 14.07
CA SER A 375 -15.98 -27.05 14.38
C SER A 375 -15.04 -25.90 14.02
N ILE A 376 -15.60 -24.83 13.49
CA ILE A 376 -14.87 -23.54 13.30
C ILE A 376 -14.61 -22.89 14.65
N GLU A 377 -15.23 -23.38 15.73
CA GLU A 377 -14.84 -22.97 17.12
C GLU A 377 -13.36 -23.24 17.41
N ASN A 378 -12.77 -24.24 16.76
CA ASN A 378 -11.39 -24.68 17.06
C ASN A 378 -10.34 -23.67 16.59
N ILE A 379 -10.68 -22.83 15.61
CA ILE A 379 -9.68 -22.11 14.80
C ILE A 379 -9.87 -20.61 14.93
N ALA A 380 -8.74 -19.89 14.92
CA ALA A 380 -8.69 -18.44 14.61
C ALA A 380 -7.75 -18.23 13.41
N PHE A 381 -7.90 -17.11 12.72
CA PHE A 381 -7.05 -16.78 11.56
C PHE A 381 -6.30 -15.50 11.92
N GLY A 382 -5.03 -15.47 11.47
CA GLY A 382 -4.23 -14.24 11.34
C GLY A 382 -3.95 -13.92 9.87
N SER A 383 -4.10 -12.65 9.47
CA SER A 383 -3.83 -12.24 8.07
C SER A 383 -3.07 -10.93 8.07
N GLY A 384 -2.02 -10.89 7.26
CA GLY A 384 -1.12 -9.74 7.15
C GLY A 384 -1.28 -9.09 5.80
N GLY A 385 -0.49 -9.55 4.85
CA GLY A 385 -0.48 -8.99 3.49
C GLY A 385 -1.85 -9.13 2.80
N GLY A 386 -2.46 -10.30 2.97
CA GLY A 386 -3.81 -10.55 2.45
C GLY A 386 -4.82 -9.54 2.95
N LEU A 387 -4.70 -9.13 4.20
CA LEU A 387 -5.74 -8.27 4.82
C LEU A 387 -5.49 -6.82 4.49
N LEU A 388 -4.24 -6.35 4.51
CA LEU A 388 -3.92 -4.89 4.49
C LEU A 388 -3.18 -4.47 3.21
N GLN A 389 -2.51 -5.38 2.49
CA GLN A 389 -1.63 -4.94 1.40
C GLN A 389 -2.10 -5.49 0.05
N LYS A 390 -2.55 -6.71 -0.07
CA LYS A 390 -2.83 -7.31 -1.39
C LYS A 390 -4.19 -6.82 -1.92
N LEU A 391 -4.35 -5.53 -2.08
CA LEU A 391 -5.61 -4.85 -2.50
C LEU A 391 -5.21 -3.69 -3.39
N THR A 392 -6.06 -3.41 -4.39
CA THR A 392 -5.87 -2.26 -5.32
C THR A 392 -7.17 -1.49 -5.52
N ARG A 393 -7.05 -0.31 -6.09
CA ARG A 393 -8.19 0.58 -6.42
C ARG A 393 -9.08 -0.13 -7.46
N ASP A 394 -8.51 -1.02 -8.27
CA ASP A 394 -9.24 -1.82 -9.29
C ASP A 394 -10.16 -2.87 -8.70
N LEU A 395 -9.92 -3.36 -7.48
CA LEU A 395 -10.73 -4.46 -6.96
C LEU A 395 -12.21 -4.05 -6.92
N LEU A 396 -12.55 -2.86 -6.39
CA LEU A 396 -13.96 -2.38 -6.39
C LEU A 396 -14.18 -1.27 -7.45
N ASN A 397 -13.24 -1.08 -8.37
CA ASN A 397 -13.37 -0.02 -9.42
C ASN A 397 -13.72 1.33 -8.75
N CYS A 398 -13.02 1.68 -7.69
CA CYS A 398 -13.17 2.97 -6.99
C CYS A 398 -12.71 4.08 -7.93
N SER A 399 -13.57 5.06 -8.22
CA SER A 399 -13.36 6.00 -9.34
C SER A 399 -14.05 7.32 -9.05
N PHE A 400 -13.41 8.41 -9.45
CA PHE A 400 -13.92 9.79 -9.24
C PHE A 400 -14.03 10.43 -10.63
N LYS A 401 -15.21 10.97 -10.94
CA LYS A 401 -15.47 11.57 -12.26
C LYS A 401 -16.33 12.83 -12.13
N CYS A 402 -16.12 13.78 -13.06
CA CYS A 402 -16.98 14.96 -13.25
C CYS A 402 -18.25 14.50 -13.95
N SER A 403 -19.42 14.82 -13.37
CA SER A 403 -20.77 14.51 -13.96
C SER A 403 -21.59 15.77 -14.28
N TYR A 404 -21.18 16.97 -13.81
CA TYR A 404 -21.99 18.18 -14.05
C TYR A 404 -21.08 19.40 -14.05
N VAL A 405 -21.29 20.30 -15.00
CA VAL A 405 -20.63 21.62 -14.99
C VAL A 405 -21.67 22.69 -15.27
N VAL A 406 -21.35 23.91 -14.85
CA VAL A 406 -22.07 25.16 -15.26
C VAL A 406 -21.07 26.05 -16.02
N THR A 407 -21.41 26.37 -17.27
CA THR A 407 -20.62 27.20 -18.20
C THR A 407 -21.56 28.23 -18.82
N ASN A 408 -21.24 29.52 -18.73
CA ASN A 408 -22.12 30.63 -19.23
C ASN A 408 -23.50 30.53 -18.58
N GLY A 409 -23.52 30.14 -17.29
CA GLY A 409 -24.75 30.07 -16.46
C GLY A 409 -25.65 28.87 -16.78
N LEU A 410 -25.25 27.98 -17.70
CA LEU A 410 -26.10 26.83 -18.11
C LEU A 410 -25.46 25.52 -17.60
N GLY A 411 -26.23 24.72 -16.88
CA GLY A 411 -25.74 23.46 -16.32
C GLY A 411 -25.76 22.43 -17.40
N ILE A 412 -24.74 21.61 -17.55
CA ILE A 412 -24.77 20.50 -18.54
C ILE A 412 -24.33 19.22 -17.85
N ASN A 413 -24.96 18.12 -18.26
CA ASN A 413 -24.68 16.78 -17.72
C ASN A 413 -23.54 16.25 -18.56
N VAL A 414 -22.42 15.94 -17.94
CA VAL A 414 -21.22 15.43 -18.62
C VAL A 414 -20.84 14.04 -18.11
N PHE A 415 -20.08 13.35 -18.93
CA PHE A 415 -19.75 11.93 -18.73
C PHE A 415 -18.73 11.47 -19.75
N LYS A 416 -18.13 10.32 -19.43
CA LYS A 416 -17.32 9.56 -20.41
C LYS A 416 -18.07 8.27 -20.76
N ASP A 417 -17.81 7.71 -21.96
CA ASP A 417 -18.46 6.46 -22.40
C ASP A 417 -17.59 5.83 -23.46
N PRO A 418 -16.41 5.28 -23.11
CA PRO A 418 -15.43 4.82 -24.10
C PRO A 418 -16.06 3.69 -24.92
N VAL A 419 -15.93 3.77 -26.23
CA VAL A 419 -16.54 2.80 -27.19
C VAL A 419 -16.11 1.37 -26.84
N ALA A 420 -14.85 1.13 -26.55
CA ALA A 420 -14.32 -0.24 -26.31
C ALA A 420 -14.54 -0.70 -24.86
N ASP A 421 -15.06 0.10 -23.94
CA ASP A 421 -15.30 -0.38 -22.55
C ASP A 421 -16.49 0.30 -21.88
N PRO A 422 -17.69 -0.25 -22.11
CA PRO A 422 -18.92 0.23 -21.46
C PRO A 422 -18.92 0.17 -19.93
N ASN A 423 -18.06 -0.62 -19.30
CA ASN A 423 -17.98 -0.62 -17.83
C ASN A 423 -17.41 0.69 -17.31
N LYS A 424 -16.67 1.45 -18.13
CA LYS A 424 -16.07 2.74 -17.69
C LYS A 424 -17.04 3.91 -17.98
N ARG A 425 -18.23 3.65 -18.52
CA ARG A 425 -19.25 4.71 -18.65
C ARG A 425 -19.48 5.35 -17.29
N SER A 426 -19.54 6.66 -17.26
CA SER A 426 -19.76 7.39 -15.98
C SER A 426 -21.18 7.98 -15.94
N LYS A 427 -21.64 8.36 -14.74
CA LYS A 427 -23.01 8.86 -14.51
C LYS A 427 -23.13 10.31 -14.98
N LYS A 428 -24.35 10.73 -15.27
CA LYS A 428 -24.65 12.06 -15.84
C LYS A 428 -25.33 12.94 -14.79
N GLY A 429 -24.79 14.15 -14.64
CA GLY A 429 -25.49 15.27 -14.01
C GLY A 429 -25.42 15.22 -12.51
N ARG A 430 -26.32 15.96 -11.87
CA ARG A 430 -26.42 16.01 -10.38
C ARG A 430 -27.03 14.69 -9.87
N LEU A 431 -26.36 14.14 -8.88
CA LEU A 431 -26.60 12.77 -8.36
C LEU A 431 -27.22 12.88 -6.98
N SER A 432 -28.05 11.90 -6.65
CA SER A 432 -28.55 11.66 -5.28
C SER A 432 -28.70 10.16 -5.03
N LEU A 433 -28.68 9.74 -3.77
CA LEU A 433 -28.75 8.32 -3.34
C LEU A 433 -30.06 8.12 -2.55
N HIS A 434 -30.82 7.08 -2.90
CA HIS A 434 -32.16 6.89 -2.30
C HIS A 434 -32.41 5.44 -1.96
N ARG A 435 -33.26 5.24 -0.94
CA ARG A 435 -33.87 3.93 -0.64
C ARG A 435 -34.92 3.64 -1.70
N THR A 436 -34.97 2.41 -2.17
CA THR A 436 -36.02 1.99 -3.15
C THR A 436 -37.22 1.53 -2.37
N PRO A 437 -38.42 1.42 -2.99
CA PRO A 437 -39.57 0.87 -2.28
C PRO A 437 -39.31 -0.50 -1.67
N ALA A 438 -38.39 -1.32 -2.19
CA ALA A 438 -38.05 -2.65 -1.61
C ALA A 438 -36.91 -2.53 -0.61
N GLY A 439 -36.42 -1.33 -0.28
CA GLY A 439 -35.35 -1.16 0.73
C GLY A 439 -33.95 -1.37 0.16
N ASN A 440 -33.77 -1.25 -1.15
CA ASN A 440 -32.41 -1.29 -1.74
C ASN A 440 -32.00 0.16 -1.94
N PHE A 441 -30.98 0.36 -2.75
CA PHE A 441 -30.40 1.69 -3.03
C PHE A 441 -30.52 1.96 -4.51
N VAL A 442 -30.66 3.22 -4.86
CA VAL A 442 -30.66 3.70 -6.27
C VAL A 442 -29.98 5.06 -6.28
N THR A 443 -29.10 5.24 -7.26
CA THR A 443 -28.51 6.55 -7.60
C THR A 443 -29.32 7.18 -8.73
N LEU A 444 -29.90 8.36 -8.47
CA LEU A 444 -30.67 9.14 -9.47
C LEU A 444 -29.73 10.14 -10.14
N GLU A 445 -29.87 10.25 -11.45
CA GLU A 445 -28.99 11.06 -12.32
C GLU A 445 -29.74 12.30 -12.80
N GLU A 446 -29.02 13.25 -13.39
CA GLU A 446 -29.61 14.40 -14.14
C GLU A 446 -30.50 15.23 -13.19
N GLY A 447 -30.18 15.22 -11.88
CA GLY A 447 -30.90 16.05 -10.89
C GLY A 447 -32.31 15.51 -10.63
N LYS A 448 -32.63 14.31 -11.08
CA LYS A 448 -33.97 13.69 -10.94
C LYS A 448 -34.34 13.45 -9.45
N GLY A 449 -33.39 13.39 -8.54
CA GLY A 449 -33.65 13.51 -7.08
C GLY A 449 -34.61 14.65 -6.71
N ASP A 450 -34.60 15.76 -7.45
CA ASP A 450 -35.41 16.97 -7.11
C ASP A 450 -36.88 16.74 -7.45
N LEU A 451 -37.22 15.74 -8.25
CA LEU A 451 -38.63 15.32 -8.47
C LEU A 451 -39.22 14.77 -7.17
N GLU A 452 -38.37 14.41 -6.18
CA GLU A 452 -38.77 13.87 -4.86
C GLU A 452 -39.78 12.74 -5.00
N GLU A 453 -39.55 11.83 -5.96
CA GLU A 453 -40.39 10.63 -6.15
C GLU A 453 -39.84 9.52 -5.25
N TYR A 454 -38.66 9.71 -4.70
CA TYR A 454 -38.06 8.79 -3.70
C TYR A 454 -37.91 9.53 -2.37
N GLY A 455 -37.51 8.80 -1.34
CA GLY A 455 -37.20 9.33 0.00
C GLY A 455 -36.17 10.44 -0.10
N GLN A 456 -35.76 10.95 1.05
CA GLN A 456 -34.65 11.89 1.23
C GLN A 456 -33.39 11.36 0.54
N ASP A 457 -32.59 12.28 0.03
CA ASP A 457 -31.20 11.98 -0.38
C ASP A 457 -30.44 11.46 0.86
N LEU A 458 -29.71 10.34 0.74
CA LEU A 458 -28.94 9.75 1.86
C LEU A 458 -27.53 10.39 1.96
N LEU A 459 -27.10 11.19 0.99
CA LEU A 459 -25.86 11.99 1.09
C LEU A 459 -26.12 13.15 2.02
N HIS A 460 -25.23 13.33 2.98
CA HIS A 460 -25.16 14.46 3.94
C HIS A 460 -23.92 15.30 3.68
N THR A 461 -24.08 16.61 3.82
CA THR A 461 -22.91 17.51 3.83
C THR A 461 -22.02 17.12 5.02
N VAL A 462 -20.78 16.75 4.74
CA VAL A 462 -19.73 16.37 5.75
C VAL A 462 -18.62 17.42 5.79
N PHE A 463 -18.52 18.25 4.73
CA PHE A 463 -17.49 19.29 4.60
C PHE A 463 -18.05 20.45 3.80
N LYS A 464 -17.79 21.66 4.28
CA LYS A 464 -18.19 22.88 3.59
C LYS A 464 -17.30 24.03 4.01
N ASN A 465 -16.65 24.66 3.00
CA ASN A 465 -15.88 25.91 3.17
C ASN A 465 -14.93 25.74 4.35
N GLY A 466 -14.23 24.60 4.38
CA GLY A 466 -13.07 24.37 5.26
C GLY A 466 -13.48 23.83 6.61
N LYS A 467 -14.76 23.55 6.83
CA LYS A 467 -15.21 22.98 8.13
C LYS A 467 -15.79 21.59 7.90
N VAL A 468 -15.50 20.69 8.84
CA VAL A 468 -16.18 19.37 8.92
C VAL A 468 -17.53 19.65 9.59
N THR A 469 -18.61 19.30 8.93
CA THR A 469 -19.98 19.69 9.32
C THR A 469 -20.74 18.53 9.96
N LYS A 470 -20.34 17.31 9.70
CA LYS A 470 -21.01 16.10 10.23
C LYS A 470 -19.92 15.07 10.44
N SER A 471 -19.87 14.50 11.64
CA SER A 471 -18.93 13.42 12.04
C SER A 471 -19.66 12.23 12.64
N TYR A 472 -19.02 11.08 12.52
CA TYR A 472 -19.48 9.76 12.98
C TYR A 472 -18.44 9.22 13.97
N SER A 473 -18.92 8.71 15.08
CA SER A 473 -18.06 7.99 16.05
C SER A 473 -17.71 6.63 15.43
N PHE A 474 -16.65 6.00 15.89
CA PHE A 474 -16.33 4.64 15.40
C PHE A 474 -17.44 3.67 15.84
N ASP A 475 -18.09 3.94 16.94
CA ASP A 475 -19.16 3.04 17.44
C ASP A 475 -20.32 3.06 16.43
N GLU A 476 -20.64 4.22 15.88
CA GLU A 476 -21.76 4.36 14.92
C GLU A 476 -21.38 3.61 13.65
N ILE A 477 -20.11 3.72 13.26
CA ILE A 477 -19.64 3.07 12.02
C ILE A 477 -19.74 1.53 12.13
N ARG A 478 -19.29 0.94 13.25
CA ARG A 478 -19.40 -0.51 13.53
C ARG A 478 -20.88 -0.91 13.46
N LYS A 479 -21.77 -0.08 13.98
CA LYS A 479 -23.22 -0.48 13.97
C LYS A 479 -23.69 -0.50 12.52
N ASN A 480 -23.37 0.53 11.74
CA ASN A 480 -23.84 0.63 10.33
C ASN A 480 -23.32 -0.56 9.53
N ALA A 481 -22.12 -1.05 9.85
CA ALA A 481 -21.44 -2.08 9.01
C ALA A 481 -21.75 -3.51 9.52
N GLN A 482 -22.61 -3.69 10.52
CA GLN A 482 -22.94 -5.05 11.05
C GLN A 482 -23.46 -5.97 9.93
N LEU A 483 -23.29 -7.28 10.08
CA LEU A 483 -23.85 -8.30 9.17
C LEU A 483 -25.35 -8.39 9.47
N ASN A 484 -26.17 -8.79 8.48
CA ASN A 484 -27.64 -9.02 8.67
C ASN A 484 -27.89 -9.97 9.86
N ILE A 485 -27.82 -11.29 9.64
CA ILE A 485 -28.12 -12.33 10.67
C ILE A 485 -28.67 -11.68 11.95
N PHE B 10 4.50 10.84 16.35
CA PHE B 10 5.05 9.45 16.23
C PHE B 10 5.70 8.99 17.53
N ASN B 11 5.36 7.76 17.94
CA ASN B 11 5.87 7.13 19.17
C ASN B 11 6.34 5.70 18.83
N ILE B 12 7.64 5.47 18.86
CA ILE B 12 8.27 4.18 18.49
C ILE B 12 7.81 3.07 19.45
N LEU B 13 7.35 3.43 20.65
CA LEU B 13 6.82 2.45 21.63
C LEU B 13 5.49 1.91 21.11
N LEU B 14 4.83 2.63 20.22
CA LEU B 14 3.53 2.20 19.63
C LEU B 14 3.70 1.81 18.15
N ALA B 15 4.93 1.61 17.69
CA ALA B 15 5.19 1.29 16.25
C ALA B 15 5.78 -0.10 16.07
N THR B 16 5.28 -1.06 16.84
CA THR B 16 5.66 -2.50 16.72
C THR B 16 4.38 -3.36 16.71
N ASP B 17 4.52 -4.62 16.26
CA ASP B 17 3.44 -5.61 16.35
C ASP B 17 3.14 -5.82 17.84
N SER B 18 1.87 -5.89 18.21
CA SER B 18 1.46 -5.99 19.62
C SER B 18 2.29 -7.08 20.32
N TYR B 19 2.39 -8.28 19.71
CA TYR B 19 2.99 -9.44 20.43
C TYR B 19 4.45 -9.13 20.82
N LYS B 20 5.12 -8.25 20.11
CA LYS B 20 6.54 -7.97 20.44
C LYS B 20 6.64 -7.23 21.78
N VAL B 21 5.57 -6.60 22.23
CA VAL B 21 5.54 -5.97 23.55
C VAL B 21 5.83 -7.04 24.61
N THR B 22 5.53 -8.31 24.33
CA THR B 22 5.58 -9.42 25.35
C THR B 22 6.84 -10.27 25.18
N HIS B 23 7.67 -9.98 24.17
CA HIS B 23 8.86 -10.81 23.83
C HIS B 23 9.95 -10.74 24.93
N TYR B 24 10.07 -9.65 25.66
CA TYR B 24 11.18 -9.48 26.64
C TYR B 24 10.99 -10.52 27.76
N LYS B 25 9.82 -11.18 27.84
CA LYS B 25 9.57 -12.21 28.85
C LYS B 25 9.80 -13.60 28.26
N GLN B 26 10.24 -13.74 27.02
CA GLN B 26 10.23 -15.03 26.29
C GLN B 26 11.63 -15.53 25.89
N TYR B 27 12.63 -14.64 25.81
CA TYR B 27 14.01 -14.97 25.38
C TYR B 27 14.61 -15.78 26.52
N PRO B 28 15.64 -16.60 26.27
CA PRO B 28 16.30 -17.34 27.34
C PRO B 28 16.77 -16.31 28.35
N PRO B 29 16.65 -16.58 29.66
CA PRO B 29 17.30 -15.75 30.67
C PRO B 29 18.80 -15.53 30.40
N ASN B 30 19.30 -14.37 30.78
CA ASN B 30 20.73 -13.99 30.65
C ASN B 30 21.13 -13.88 29.19
N THR B 31 20.21 -13.42 28.35
CA THR B 31 20.49 -13.13 26.92
C THR B 31 20.96 -11.68 26.83
N SER B 32 22.19 -11.44 26.36
CA SER B 32 22.91 -10.13 26.35
C SER B 32 22.92 -9.53 24.93
N LYS B 33 22.67 -10.36 23.92
CA LYS B 33 22.75 -9.99 22.48
C LYS B 33 21.67 -10.72 21.69
N VAL B 34 20.92 -9.97 20.90
CA VAL B 34 20.10 -10.52 19.77
C VAL B 34 20.61 -9.84 18.50
N TYR B 35 20.92 -10.66 17.51
CA TYR B 35 21.50 -10.24 16.22
C TYR B 35 20.60 -10.83 15.14
N SER B 36 20.05 -9.92 14.31
CA SER B 36 19.01 -10.23 13.33
C SER B 36 19.39 -9.63 11.97
N TYR B 37 18.91 -10.23 10.90
CA TYR B 37 19.27 -9.80 9.53
C TYR B 37 18.03 -9.73 8.63
N PHE B 38 18.15 -9.00 7.53
CA PHE B 38 17.10 -8.85 6.50
C PHE B 38 17.59 -9.45 5.21
N GLU B 39 16.77 -10.25 4.56
CA GLU B 39 17.06 -10.73 3.18
C GLU B 39 15.80 -10.77 2.30
N CYS B 40 16.00 -10.77 0.98
CA CYS B 40 14.94 -11.10 -0.03
C CYS B 40 15.11 -12.57 -0.36
N ARG B 41 14.49 -13.45 0.41
CA ARG B 41 14.77 -14.90 0.46
C ARG B 41 14.60 -15.50 -0.94
N GLU B 42 15.47 -16.43 -1.28
CA GLU B 42 15.48 -17.11 -2.60
C GLU B 42 14.32 -18.08 -2.59
N LYS B 43 13.54 -18.19 -3.68
CA LYS B 43 12.43 -19.15 -3.75
C LYS B 43 12.81 -20.28 -4.73
N LYS B 44 13.71 -21.15 -4.29
CA LYS B 44 14.05 -22.49 -4.85
C LYS B 44 12.78 -23.36 -5.05
N LYS B 54 10.05 -13.37 -12.87
CA LYS B 54 11.15 -13.96 -12.07
C LYS B 54 12.21 -12.90 -11.72
N TYR B 55 12.33 -12.54 -10.43
CA TYR B 55 13.03 -11.31 -9.92
C TYR B 55 14.34 -11.74 -9.23
N GLU B 56 15.39 -11.97 -9.98
CA GLU B 56 16.63 -12.61 -9.46
C GLU B 56 17.52 -11.64 -8.68
N GLU B 57 17.31 -10.35 -8.78
CA GLU B 57 18.21 -9.36 -8.14
C GLU B 57 17.36 -8.17 -7.69
N THR B 58 17.71 -7.56 -6.57
CA THR B 58 16.89 -6.51 -5.94
C THR B 58 17.70 -5.26 -5.79
N VAL B 59 17.08 -4.12 -5.98
CA VAL B 59 17.66 -2.81 -5.67
C VAL B 59 17.47 -2.57 -4.19
N PHE B 60 18.52 -2.42 -3.42
CA PHE B 60 18.39 -2.10 -1.98
C PHE B 60 18.17 -0.59 -1.87
N TYR B 61 16.97 -0.14 -1.51
CA TYR B 61 16.66 1.30 -1.37
C TYR B 61 15.62 1.46 -0.28
N GLY B 62 15.76 2.49 0.55
CA GLY B 62 14.67 2.98 1.42
C GLY B 62 15.02 2.97 2.90
N LEU B 63 16.05 2.25 3.33
CA LEU B 63 16.35 2.16 4.80
C LEU B 63 16.70 3.57 5.34
N GLN B 64 17.45 4.38 4.61
CA GLN B 64 17.94 5.72 5.09
C GLN B 64 16.71 6.59 5.50
N TYR B 65 15.63 6.55 4.72
CA TYR B 65 14.36 7.25 5.05
C TYR B 65 13.91 6.86 6.47
N ILE B 66 13.89 5.55 6.70
CA ILE B 66 13.41 4.98 7.99
C ILE B 66 14.36 5.38 9.13
N LEU B 67 15.66 5.21 8.94
CA LEU B 67 16.66 5.60 9.99
C LEU B 67 16.45 7.06 10.43
N ASN B 68 16.27 7.97 9.48
CA ASN B 68 16.20 9.43 9.77
C ASN B 68 14.81 9.78 10.32
N LYS B 69 13.73 9.31 9.69
CA LYS B 69 12.39 9.79 10.09
C LYS B 69 11.96 9.22 11.45
N TYR B 70 12.35 7.96 11.76
CA TYR B 70 11.78 7.16 12.87
C TYR B 70 12.80 6.71 13.90
N LEU B 71 14.07 6.45 13.56
CA LEU B 71 14.98 5.72 14.51
C LEU B 71 16.00 6.64 15.18
N LYS B 72 16.44 7.72 14.55
CA LYS B 72 17.59 8.50 15.04
C LYS B 72 17.17 9.51 16.11
N GLY B 73 18.12 9.89 16.95
CA GLY B 73 17.96 10.97 17.93
C GLY B 73 17.20 10.48 19.14
N LYS B 74 16.65 11.42 19.89
CA LYS B 74 15.90 11.10 21.14
C LYS B 74 14.51 10.59 20.75
N VAL B 75 14.29 9.28 20.74
CA VAL B 75 13.01 8.68 20.28
C VAL B 75 12.15 8.24 21.47
N VAL B 76 12.70 8.35 22.68
CA VAL B 76 11.97 7.98 23.92
C VAL B 76 11.87 9.22 24.78
N THR B 77 10.69 9.48 25.32
CA THR B 77 10.47 10.50 26.38
C THR B 77 9.60 9.90 27.49
N LYS B 78 9.56 10.58 28.65
CA LYS B 78 8.67 10.24 29.78
C LYS B 78 7.24 10.07 29.28
N GLU B 79 6.79 11.03 28.50
CA GLU B 79 5.41 11.11 27.97
C GLU B 79 5.18 9.90 27.04
N LYS B 80 6.13 9.55 26.17
CA LYS B 80 5.93 8.40 25.24
C LYS B 80 5.81 7.10 26.04
N ILE B 81 6.59 6.95 27.09
CA ILE B 81 6.55 5.71 27.92
C ILE B 81 5.17 5.59 28.58
N GLN B 82 4.65 6.70 29.14
CA GLN B 82 3.33 6.73 29.83
C GLN B 82 2.18 6.48 28.85
N GLU B 83 2.21 7.10 27.67
CA GLU B 83 1.19 6.91 26.62
C GLU B 83 1.15 5.41 26.29
N ALA B 84 2.30 4.81 26.05
CA ALA B 84 2.40 3.38 25.65
C ALA B 84 1.89 2.49 26.80
N LYS B 85 2.30 2.81 28.04
CA LYS B 85 1.87 2.07 29.25
C LYS B 85 0.35 2.04 29.26
N ASP B 86 -0.30 3.21 29.07
CA ASP B 86 -1.76 3.39 29.26
C ASP B 86 -2.50 2.62 28.15
N VAL B 87 -1.97 2.67 26.94
CA VAL B 87 -2.58 2.03 25.74
C VAL B 87 -2.46 0.50 25.91
N TYR B 88 -1.28 0.00 26.24
CA TYR B 88 -1.04 -1.47 26.32
C TYR B 88 -1.84 -2.07 27.49
N LYS B 89 -2.01 -1.34 28.57
CA LYS B 89 -2.85 -1.83 29.70
C LYS B 89 -4.25 -2.22 29.19
N GLU B 90 -4.85 -1.38 28.38
CA GLU B 90 -6.19 -1.62 27.82
C GLU B 90 -6.12 -2.66 26.71
N HIS B 91 -5.08 -2.57 25.87
CA HIS B 91 -5.00 -3.37 24.63
C HIS B 91 -4.88 -4.84 25.00
N PHE B 92 -4.07 -5.15 26.02
CA PHE B 92 -3.82 -6.53 26.54
C PHE B 92 -4.71 -6.87 27.74
N GLN B 93 -5.47 -5.92 28.26
CA GLN B 93 -6.22 -6.14 29.51
C GLN B 93 -5.24 -6.64 30.59
N ASP B 94 -4.03 -6.10 30.65
CA ASP B 94 -2.96 -6.59 31.54
C ASP B 94 -1.74 -5.67 31.40
N ASP B 95 -0.78 -5.71 32.35
CA ASP B 95 0.27 -4.67 32.48
CA ASP B 95 0.27 -4.66 32.49
C ASP B 95 1.61 -5.15 31.93
N VAL B 96 1.60 -6.06 30.94
CA VAL B 96 2.78 -6.75 30.36
C VAL B 96 3.82 -5.77 29.74
N PHE B 97 3.55 -4.49 29.54
CA PHE B 97 4.55 -3.56 28.92
C PHE B 97 5.87 -3.39 29.73
N ASN B 98 7.02 -3.42 29.04
CA ASN B 98 8.39 -3.34 29.63
C ASN B 98 8.78 -1.89 29.98
N GLU B 99 8.06 -1.24 30.89
CA GLU B 99 8.26 0.17 31.26
C GLU B 99 9.71 0.37 31.75
N LYS B 100 10.26 -0.55 32.53
CA LYS B 100 11.63 -0.50 33.07
C LYS B 100 12.66 -0.48 31.94
N GLY B 101 12.50 -1.37 30.97
CA GLY B 101 13.45 -1.45 29.84
C GLY B 101 13.51 -0.16 29.05
N TRP B 102 12.36 0.45 28.79
CA TRP B 102 12.27 1.74 28.04
C TRP B 102 12.78 2.90 28.91
N ASN B 103 12.50 2.88 30.22
CA ASN B 103 13.10 3.88 31.13
C ASN B 103 14.63 3.80 31.13
N TYR B 104 15.20 2.60 31.03
CA TYR B 104 16.66 2.38 30.98
C TYR B 104 17.28 3.19 29.82
N ILE B 105 16.69 3.07 28.64
CA ILE B 105 17.19 3.76 27.42
C ILE B 105 17.04 5.27 27.62
N LEU B 106 15.91 5.74 28.11
CA LEU B 106 15.71 7.18 28.38
C LEU B 106 16.78 7.67 29.37
N GLU B 107 17.01 7.00 30.48
CA GLU B 107 17.93 7.51 31.52
C GLU B 107 19.40 7.32 31.12
N LYS B 108 19.81 6.16 30.57
CA LYS B 108 21.23 5.90 30.23
C LYS B 108 21.64 6.63 28.93
N TYR B 109 20.78 6.76 27.91
CA TYR B 109 21.19 7.21 26.56
C TYR B 109 20.38 8.42 26.09
N ASP B 110 19.70 9.13 27.01
CA ASP B 110 18.84 10.28 26.65
C ASP B 110 17.92 9.88 25.49
N GLY B 111 17.37 8.68 25.56
CA GLY B 111 16.30 8.23 24.64
C GLY B 111 16.82 7.85 23.26
N HIS B 112 18.14 7.72 23.09
CA HIS B 112 18.77 7.26 21.83
C HIS B 112 18.87 5.72 21.85
N LEU B 113 18.51 5.07 20.76
CA LEU B 113 18.48 3.58 20.68
C LEU B 113 19.89 3.01 20.69
N PRO B 114 20.25 2.12 21.65
CA PRO B 114 21.54 1.45 21.61
C PRO B 114 21.50 0.24 20.66
N ILE B 115 21.50 0.58 19.40
CA ILE B 115 21.33 -0.31 18.23
C ILE B 115 22.44 -0.04 17.22
N GLU B 116 22.94 -1.09 16.57
CA GLU B 116 23.89 -0.94 15.44
C GLU B 116 23.29 -1.66 14.24
N ILE B 117 23.16 -0.91 13.13
CA ILE B 117 22.64 -1.47 11.86
C ILE B 117 23.75 -1.35 10.84
N LYS B 118 24.08 -2.46 10.17
CA LYS B 118 25.01 -2.50 9.03
C LYS B 118 24.21 -2.83 7.79
N ALA B 119 24.54 -2.23 6.65
CA ALA B 119 23.73 -2.32 5.42
C ALA B 119 24.60 -2.17 4.17
N VAL B 120 24.17 -2.89 3.13
CA VAL B 120 24.71 -2.72 1.79
C VAL B 120 24.37 -1.28 1.38
N PRO B 121 25.23 -0.61 0.58
CA PRO B 121 24.94 0.73 0.08
C PRO B 121 23.64 0.79 -0.72
N GLU B 122 22.87 1.86 -0.51
CA GLU B 122 21.60 2.10 -1.21
C GLU B 122 21.86 2.22 -2.71
N GLY B 123 20.92 1.68 -3.49
CA GLY B 123 21.02 1.55 -4.95
C GLY B 123 21.73 0.28 -5.39
N PHE B 124 22.43 -0.41 -4.47
CA PHE B 124 23.13 -1.65 -4.83
C PHE B 124 22.14 -2.65 -5.39
N VAL B 125 22.60 -3.42 -6.34
CA VAL B 125 21.76 -4.41 -7.04
C VAL B 125 22.29 -5.79 -6.67
N ILE B 126 21.55 -6.54 -5.87
CA ILE B 126 22.08 -7.75 -5.15
C ILE B 126 21.19 -8.93 -5.50
N PRO B 127 21.77 -10.12 -5.84
CA PRO B 127 20.98 -11.34 -6.02
C PRO B 127 20.18 -11.71 -4.76
N ARG B 128 19.03 -12.37 -4.97
CA ARG B 128 18.16 -12.96 -3.94
C ARG B 128 19.03 -13.77 -2.98
N GLY B 129 18.66 -13.77 -1.70
CA GLY B 129 19.18 -14.70 -0.68
C GLY B 129 20.47 -14.22 -0.09
N ASN B 130 20.70 -12.92 -0.13
CA ASN B 130 21.88 -12.29 0.50
C ASN B 130 21.48 -11.39 1.65
N VAL B 131 22.34 -11.30 2.64
CA VAL B 131 22.17 -10.32 3.74
C VAL B 131 22.21 -8.92 3.13
N LEU B 132 21.19 -8.12 3.40
CA LEU B 132 21.11 -6.71 2.96
C LEU B 132 21.38 -5.77 4.14
N PHE B 133 20.84 -6.07 5.32
CA PHE B 133 21.17 -5.34 6.57
C PHE B 133 21.08 -6.28 7.76
N THR B 134 21.79 -5.90 8.80
CA THR B 134 21.83 -6.55 10.11
C THR B 134 21.51 -5.52 11.19
N VAL B 135 20.95 -6.01 12.28
CA VAL B 135 20.60 -5.20 13.48
C VAL B 135 21.04 -5.94 14.74
N GLU B 136 21.61 -5.24 15.70
CA GLU B 136 22.03 -5.84 17.00
C GLU B 136 22.01 -4.74 18.06
N ASN B 137 21.72 -5.13 19.31
CA ASN B 137 21.77 -4.23 20.46
C ASN B 137 23.24 -4.04 20.86
N THR B 138 23.59 -2.84 21.31
CA THR B 138 24.98 -2.50 21.75
C THR B 138 25.07 -2.43 23.29
N ASP B 139 23.96 -2.61 23.99
CA ASP B 139 23.94 -2.68 25.47
C ASP B 139 23.23 -3.97 25.85
N PRO B 140 23.82 -4.82 26.73
CA PRO B 140 23.21 -6.10 27.05
C PRO B 140 21.78 -5.97 27.59
N GLU B 141 21.51 -4.88 28.30
CA GLU B 141 20.18 -4.59 28.89
C GLU B 141 19.12 -4.53 27.78
N CYS B 142 19.51 -4.19 26.54
CA CYS B 142 18.57 -3.92 25.42
C CYS B 142 18.54 -5.05 24.42
N TYR B 143 18.81 -6.28 24.84
CA TYR B 143 18.67 -7.51 24.01
C TYR B 143 17.29 -7.59 23.35
N TRP B 144 16.25 -7.07 24.01
CA TRP B 144 14.84 -7.14 23.54
C TRP B 144 14.60 -6.12 22.41
N LEU B 145 15.50 -5.15 22.22
CA LEU B 145 15.23 -3.97 21.37
C LEU B 145 15.42 -4.35 19.89
N THR B 146 16.36 -5.27 19.62
CA THR B 146 16.72 -5.66 18.24
C THR B 146 15.43 -5.99 17.45
N ASN B 147 14.58 -6.84 17.98
CA ASN B 147 13.42 -7.34 17.24
C ASN B 147 12.18 -6.49 17.55
N TRP B 148 12.22 -5.60 18.54
CA TRP B 148 11.14 -4.59 18.70
C TRP B 148 10.97 -3.84 17.36
N ILE B 149 12.08 -3.44 16.76
CA ILE B 149 12.10 -2.56 15.56
C ILE B 149 12.05 -3.40 14.27
N GLU B 150 11.80 -4.70 14.35
CA GLU B 150 11.62 -5.54 13.15
C GLU B 150 10.50 -4.96 12.29
N THR B 151 9.38 -4.60 12.92
CA THR B 151 8.17 -4.24 12.14
C THR B 151 8.47 -3.01 11.28
N ILE B 152 9.09 -1.99 11.90
CA ILE B 152 9.36 -0.70 11.21
C ILE B 152 10.39 -0.94 10.11
N LEU B 153 11.41 -1.74 10.36
CA LEU B 153 12.52 -1.91 9.39
C LEU B 153 12.02 -2.79 8.26
N VAL B 154 11.08 -3.71 8.53
CA VAL B 154 10.67 -4.67 7.47
C VAL B 154 9.81 -3.92 6.41
N GLN B 155 9.24 -2.78 6.74
CA GLN B 155 8.52 -1.89 5.77
C GLN B 155 9.48 -1.43 4.65
N SER B 156 10.80 -1.60 4.82
CA SER B 156 11.82 -1.51 3.74
C SER B 156 11.39 -2.35 2.54
N TRP B 157 10.64 -3.42 2.75
CA TRP B 157 10.25 -4.27 1.59
C TRP B 157 9.67 -3.39 0.44
N TYR B 158 8.99 -2.33 0.79
CA TYR B 158 8.09 -1.59 -0.11
C TYR B 158 8.96 -0.79 -1.05
N PRO B 159 9.80 0.15 -0.57
CA PRO B 159 10.73 0.83 -1.49
C PRO B 159 11.65 -0.14 -2.22
N ILE B 160 12.10 -1.21 -1.59
CA ILE B 160 12.95 -2.19 -2.32
C ILE B 160 12.14 -2.76 -3.48
N THR B 161 10.89 -3.18 -3.23
CA THR B 161 10.13 -3.93 -4.24
C THR B 161 9.72 -2.98 -5.39
N VAL B 162 9.36 -1.73 -5.07
CA VAL B 162 8.97 -0.72 -6.12
C VAL B 162 10.21 -0.44 -6.98
N ALA B 163 11.39 -0.24 -6.35
CA ALA B 163 12.63 0.06 -7.09
C ALA B 163 13.01 -1.11 -7.99
N THR B 164 12.92 -2.32 -7.46
CA THR B 164 13.24 -3.56 -8.19
C THR B 164 12.28 -3.75 -9.37
N ASN B 165 10.96 -3.66 -9.14
CA ASN B 165 9.99 -3.90 -10.21
C ASN B 165 10.07 -2.77 -11.25
N SER B 166 10.37 -1.54 -10.86
CA SER B 166 10.50 -0.43 -11.82
C SER B 166 11.78 -0.68 -12.67
N ARG B 167 12.87 -1.17 -12.05
CA ARG B 167 14.13 -1.53 -12.75
C ARG B 167 13.88 -2.66 -13.75
N GLU B 168 13.07 -3.65 -13.39
CA GLU B 168 12.83 -4.78 -14.32
C GLU B 168 12.09 -4.24 -15.54
N GLN B 169 11.25 -3.25 -15.33
CA GLN B 169 10.45 -2.72 -16.46
C GLN B 169 11.41 -1.90 -17.36
N LYS B 170 12.30 -1.13 -16.75
CA LYS B 170 13.37 -0.43 -17.49
C LYS B 170 14.20 -1.41 -18.32
N LYS B 171 14.46 -2.62 -17.86
CA LYS B 171 15.27 -3.60 -18.61
C LYS B 171 14.54 -4.00 -19.88
N ILE B 172 13.24 -4.21 -19.77
CA ILE B 172 12.40 -4.62 -20.93
C ILE B 172 12.39 -3.46 -21.95
N LEU B 173 12.21 -2.24 -21.46
CA LEU B 173 12.07 -1.04 -22.31
C LEU B 173 13.43 -0.85 -23.00
N ALA B 174 14.51 -1.05 -22.24
CA ALA B 174 15.89 -0.90 -22.77
C ALA B 174 16.08 -1.86 -23.95
N LYS B 175 15.71 -3.11 -23.76
CA LYS B 175 15.94 -4.18 -24.74
C LYS B 175 15.21 -3.80 -26.03
N TYR B 176 13.94 -3.47 -25.95
CA TYR B 176 13.09 -3.26 -27.15
C TYR B 176 13.42 -1.92 -27.84
N LEU B 177 13.72 -0.88 -27.08
CA LEU B 177 14.11 0.46 -27.61
C LEU B 177 15.46 0.32 -28.34
N LEU B 178 16.42 -0.41 -27.77
CA LEU B 178 17.74 -0.65 -28.42
CA LEU B 178 17.74 -0.69 -28.40
C LEU B 178 17.51 -1.45 -29.71
N GLU B 179 16.66 -2.46 -29.64
CA GLU B 179 16.43 -3.30 -30.83
C GLU B 179 15.72 -2.52 -31.95
N THR B 180 14.70 -1.72 -31.66
CA THR B 180 13.90 -1.10 -32.72
C THR B 180 14.45 0.28 -33.13
N SER B 181 15.35 0.91 -32.34
CA SER B 181 15.87 2.26 -32.63
C SER B 181 17.39 2.31 -32.78
N GLY B 182 18.14 1.38 -32.19
CA GLY B 182 19.61 1.42 -32.18
C GLY B 182 20.20 2.31 -31.09
N ASN B 183 19.39 2.88 -30.20
CA ASN B 183 19.94 3.58 -29.01
C ASN B 183 18.93 3.52 -27.86
N LEU B 184 19.25 4.22 -26.76
CA LEU B 184 18.46 4.28 -25.54
C LEU B 184 18.03 5.70 -25.26
N ASP B 185 17.88 6.50 -26.30
CA ASP B 185 17.52 7.93 -26.11
C ASP B 185 16.09 7.97 -25.53
N GLY B 186 15.89 8.74 -24.48
CA GLY B 186 14.57 8.91 -23.86
C GLY B 186 14.19 7.75 -22.96
N LEU B 187 15.06 6.75 -22.70
CA LEU B 187 14.74 5.54 -21.88
C LEU B 187 14.24 5.96 -20.49
N GLU B 188 14.87 6.98 -19.87
CA GLU B 188 14.53 7.33 -18.46
CA GLU B 188 14.56 7.38 -18.47
C GLU B 188 13.21 8.12 -18.39
N TYR B 189 12.52 8.36 -19.52
CA TYR B 189 11.18 9.03 -19.56
C TYR B 189 10.14 8.07 -20.14
N LYS B 190 10.43 6.79 -20.24
CA LYS B 190 9.52 5.86 -20.97
C LYS B 190 8.44 5.28 -20.07
N LEU B 191 8.62 5.34 -18.76
CA LEU B 191 7.65 4.77 -17.75
C LEU B 191 7.35 5.87 -16.75
N HIS B 192 6.18 6.49 -16.89
CA HIS B 192 5.74 7.62 -16.04
C HIS B 192 4.84 7.10 -14.91
N ASP B 193 5.05 7.65 -13.72
CA ASP B 193 4.32 7.27 -12.49
C ASP B 193 3.01 8.01 -12.47
N PHE B 194 1.91 7.25 -12.60
CA PHE B 194 0.48 7.69 -12.55
C PHE B 194 -0.21 7.29 -11.22
N GLY B 195 0.53 6.85 -10.21
CA GLY B 195 0.02 6.01 -9.12
C GLY B 195 -0.45 6.79 -7.91
N TYR B 196 -0.38 8.13 -7.89
CA TYR B 196 -0.63 8.87 -6.63
C TYR B 196 -2.02 8.52 -6.05
N ARG B 197 -3.07 8.45 -6.89
CA ARG B 197 -4.43 8.18 -6.38
C ARG B 197 -4.61 6.72 -5.98
N GLY B 198 -3.80 5.85 -6.55
CA GLY B 198 -3.95 4.37 -6.54
C GLY B 198 -3.17 3.70 -5.40
N VAL B 199 -2.46 4.47 -4.57
CA VAL B 199 -1.76 3.96 -3.38
C VAL B 199 -2.60 4.15 -2.10
N SER B 200 -2.10 3.60 -1.00
CA SER B 200 -2.91 3.40 0.20
C SER B 200 -2.84 4.64 1.09
N SER B 201 -1.91 5.55 0.86
CA SER B 201 -1.76 6.73 1.73
C SER B 201 -0.85 7.78 1.06
N GLN B 202 -0.81 8.95 1.67
CA GLN B 202 0.17 10.03 1.35
C GLN B 202 1.59 9.52 1.59
N GLU B 203 1.83 8.89 2.74
CA GLU B 203 3.22 8.51 3.10
C GLU B 203 3.69 7.50 2.05
N THR B 204 2.84 6.51 1.75
CA THR B 204 3.14 5.51 0.69
C THR B 204 3.43 6.19 -0.68
N ALA B 205 2.59 7.14 -1.11
CA ALA B 205 2.78 7.89 -2.37
C ALA B 205 4.23 8.36 -2.45
N GLY B 206 4.71 9.02 -1.42
CA GLY B 206 6.04 9.64 -1.44
C GLY B 206 7.10 8.57 -1.50
N ILE B 207 6.99 7.50 -0.70
CA ILE B 207 8.05 6.45 -0.64
C ILE B 207 8.10 5.75 -2.01
N GLY B 208 6.95 5.35 -2.53
CA GLY B 208 6.90 4.52 -3.75
C GLY B 208 7.33 5.35 -4.93
N ALA B 209 6.88 6.61 -4.99
CA ALA B 209 7.27 7.52 -6.11
C ALA B 209 8.79 7.69 -6.10
N SER B 210 9.39 7.87 -4.92
CA SER B 210 10.86 8.02 -4.76
C SER B 210 11.58 6.78 -5.29
N ALA B 211 11.01 5.59 -5.05
CA ALA B 211 11.63 4.32 -5.43
C ALA B 211 11.60 4.18 -6.96
N HIS B 212 10.51 4.60 -7.58
CA HIS B 212 10.41 4.60 -9.07
C HIS B 212 11.47 5.53 -9.70
N LEU B 213 11.76 6.69 -9.08
CA LEU B 213 12.72 7.70 -9.54
C LEU B 213 14.16 7.26 -9.37
N VAL B 214 14.40 6.15 -8.70
CA VAL B 214 15.74 5.52 -8.74
C VAL B 214 16.05 5.17 -10.20
N ASN B 215 15.06 4.80 -10.98
CA ASN B 215 15.26 4.25 -12.34
C ASN B 215 14.78 5.17 -13.49
N PHE B 216 13.82 6.04 -13.24
CA PHE B 216 13.20 6.91 -14.26
C PHE B 216 13.15 8.36 -13.73
N LYS B 217 12.78 9.31 -14.58
CA LYS B 217 12.76 10.76 -14.23
C LYS B 217 11.36 11.35 -14.39
N GLY B 218 10.40 10.59 -14.89
CA GLY B 218 9.02 11.03 -15.15
C GLY B 218 8.05 10.63 -14.06
N THR B 219 7.48 11.62 -13.37
CA THR B 219 6.51 11.34 -12.29
C THR B 219 5.39 12.35 -12.27
N ASP B 220 4.17 11.89 -11.95
CA ASP B 220 3.03 12.75 -11.53
C ASP B 220 2.86 12.65 -10.03
N THR B 221 3.61 11.78 -9.36
CA THR B 221 3.41 11.57 -7.90
C THR B 221 4.31 12.60 -7.19
N VAL B 222 3.84 13.86 -7.10
CA VAL B 222 4.60 15.05 -6.57
C VAL B 222 5.22 14.77 -5.18
N ALA B 223 4.48 14.08 -4.29
CA ALA B 223 4.95 13.67 -2.93
C ALA B 223 6.38 13.09 -2.97
N GLY B 224 6.78 12.32 -3.98
CA GLY B 224 8.16 11.79 -4.11
C GLY B 224 9.25 12.88 -4.12
N LEU B 225 8.99 14.07 -4.66
CA LEU B 225 10.06 15.09 -4.83
C LEU B 225 10.53 15.55 -3.44
N ALA B 226 9.64 15.92 -2.51
CA ALA B 226 10.07 16.46 -1.19
C ALA B 226 10.76 15.37 -0.37
N LEU B 227 10.35 14.11 -0.52
CA LEU B 227 10.94 12.99 0.25
C LEU B 227 12.42 12.90 -0.16
N ILE B 228 12.68 12.93 -1.47
CA ILE B 228 14.06 12.78 -2.01
C ILE B 228 14.89 13.95 -1.47
N LYS B 229 14.38 15.18 -1.61
CA LYS B 229 15.14 16.39 -1.19
C LYS B 229 15.46 16.33 0.32
N LYS B 230 14.54 15.91 1.18
CA LYS B 230 14.74 15.93 2.66
C LYS B 230 15.67 14.77 3.13
N TYR B 231 15.62 13.59 2.50
CA TYR B 231 16.21 12.33 3.00
C TYR B 231 17.43 11.88 2.19
N TYR B 232 17.57 12.29 0.93
CA TYR B 232 18.61 11.74 0.04
C TYR B 232 19.40 12.87 -0.62
N GLY B 233 18.74 13.77 -1.37
CA GLY B 233 19.40 14.93 -2.00
C GLY B 233 19.78 14.62 -3.42
N THR B 234 19.65 15.60 -4.31
CA THR B 234 20.08 15.59 -5.74
C THR B 234 20.78 16.93 -6.04
N LYS B 235 21.73 16.89 -6.97
CA LYS B 235 22.49 18.05 -7.52
C LYS B 235 21.49 18.93 -8.28
N ASP B 236 20.61 18.30 -9.05
CA ASP B 236 19.51 19.00 -9.76
C ASP B 236 18.49 19.53 -8.77
N PRO B 237 17.83 20.65 -9.09
CA PRO B 237 16.74 21.19 -8.25
C PRO B 237 15.68 20.16 -7.89
N VAL B 238 15.25 19.35 -8.86
CA VAL B 238 14.22 18.30 -8.61
C VAL B 238 14.66 16.97 -9.21
N PRO B 239 14.26 15.85 -8.56
CA PRO B 239 14.55 14.52 -9.07
C PRO B 239 13.60 14.00 -10.15
N GLY B 240 12.51 14.71 -10.47
CA GLY B 240 11.59 14.17 -11.48
C GLY B 240 10.76 15.26 -12.09
N TYR B 241 10.19 14.94 -13.23
CA TYR B 241 9.66 15.92 -14.19
C TYR B 241 8.30 15.47 -14.68
N SER B 242 7.53 16.43 -15.20
CA SER B 242 6.24 16.14 -15.85
C SER B 242 5.98 17.14 -16.97
N VAL B 243 4.88 16.90 -17.66
CA VAL B 243 4.37 17.74 -18.76
C VAL B 243 2.90 17.97 -18.52
N PRO B 244 2.36 19.04 -19.14
CA PRO B 244 0.91 19.25 -19.18
C PRO B 244 0.16 18.05 -19.79
N ALA B 245 -1.00 17.73 -19.21
CA ALA B 245 -1.81 16.60 -19.70
C ALA B 245 -3.28 16.84 -19.29
N ALA B 246 -4.22 16.37 -20.09
CA ALA B 246 -5.68 16.47 -19.88
C ALA B 246 -6.14 15.28 -19.04
N GLU B 247 -7.32 15.40 -18.46
CA GLU B 247 -8.04 14.30 -17.82
C GLU B 247 -9.43 14.24 -18.44
N HIS B 248 -10.17 13.17 -18.20
CA HIS B 248 -11.55 13.08 -18.72
C HIS B 248 -12.37 14.31 -18.35
N SER B 249 -12.23 14.83 -17.15
CA SER B 249 -12.99 16.04 -16.74
C SER B 249 -12.72 17.21 -17.69
N THR B 250 -11.50 17.48 -18.12
CA THR B 250 -11.12 18.68 -18.97
C THR B 250 -11.55 18.51 -20.44
N ILE B 251 -11.80 17.29 -20.92
CA ILE B 251 -12.45 17.01 -22.24
C ILE B 251 -13.99 16.97 -22.09
N THR B 252 -14.54 16.11 -21.23
CA THR B 252 -16.00 15.91 -21.16
C THR B 252 -16.72 17.17 -20.68
N ALA B 253 -16.06 18.08 -19.94
CA ALA B 253 -16.71 19.31 -19.43
C ALA B 253 -17.22 20.21 -20.58
N TRP B 254 -16.70 20.04 -21.80
CA TRP B 254 -17.06 20.84 -23.02
C TRP B 254 -18.39 20.34 -23.59
N GLY B 255 -18.81 19.15 -23.22
CA GLY B 255 -20.01 18.49 -23.73
C GLY B 255 -19.66 17.46 -24.79
N LYS B 256 -20.53 16.45 -24.90
CA LYS B 256 -20.35 15.26 -25.77
C LYS B 256 -20.19 15.72 -27.22
N ASP B 257 -20.76 16.83 -27.66
CA ASP B 257 -20.70 17.28 -29.08
C ASP B 257 -19.51 18.22 -29.31
N HIS B 258 -18.62 18.42 -28.35
CA HIS B 258 -17.59 19.47 -28.45
C HIS B 258 -16.20 18.93 -28.12
N GLU B 259 -15.98 17.63 -28.27
CA GLU B 259 -14.64 17.02 -28.00
C GLU B 259 -13.56 17.74 -28.86
N LYS B 260 -13.90 18.07 -30.10
CA LYS B 260 -12.94 18.78 -31.01
C LYS B 260 -12.57 20.13 -30.39
N ASP B 261 -13.55 20.89 -29.92
CA ASP B 261 -13.34 22.21 -29.25
C ASP B 261 -12.38 22.05 -28.06
N ALA B 262 -12.60 21.01 -27.23
CA ALA B 262 -11.73 20.77 -26.07
C ALA B 262 -10.30 20.56 -26.58
N PHE B 263 -10.11 19.65 -27.53
CA PHE B 263 -8.74 19.27 -27.99
C PHE B 263 -8.06 20.55 -28.51
N GLU B 264 -8.78 21.33 -29.33
CA GLU B 264 -8.19 22.51 -29.98
C GLU B 264 -7.73 23.52 -28.92
N HIS B 265 -8.54 23.78 -27.92
CA HIS B 265 -8.24 24.77 -26.85
C HIS B 265 -7.02 24.27 -26.07
N ILE B 266 -6.94 22.96 -25.82
CA ILE B 266 -5.89 22.42 -24.95
C ILE B 266 -4.55 22.48 -25.70
N VAL B 267 -4.50 22.06 -26.96
CA VAL B 267 -3.21 22.04 -27.69
C VAL B 267 -2.79 23.47 -28.03
N THR B 268 -3.73 24.40 -28.14
CA THR B 268 -3.44 25.84 -28.38
C THR B 268 -2.91 26.48 -27.10
N GLN B 269 -3.52 26.20 -25.95
CA GLN B 269 -3.03 26.65 -24.61
C GLN B 269 -1.59 26.16 -24.41
N PHE B 270 -1.28 24.94 -24.83
CA PHE B 270 0.04 24.29 -24.59
C PHE B 270 0.70 24.10 -25.94
N SER B 271 0.86 25.18 -26.71
CA SER B 271 1.36 25.17 -28.11
C SER B 271 2.85 24.85 -28.11
N SER B 272 3.58 25.26 -27.08
CA SER B 272 5.05 25.28 -27.16
C SER B 272 5.68 24.40 -26.09
N VAL B 273 4.88 23.55 -25.43
CA VAL B 273 5.46 22.49 -24.55
C VAL B 273 4.76 21.20 -24.91
N PRO B 274 5.30 20.04 -24.47
CA PRO B 274 4.64 18.77 -24.76
C PRO B 274 3.28 18.73 -24.06
N VAL B 275 2.31 18.09 -24.69
CA VAL B 275 0.97 18.03 -24.05
C VAL B 275 0.36 16.68 -24.37
N SER B 276 -0.10 16.01 -23.32
CA SER B 276 -0.77 14.69 -23.39
C SER B 276 -2.28 14.93 -23.37
N VAL B 277 -3.00 14.28 -24.28
CA VAL B 277 -4.45 14.52 -24.41
C VAL B 277 -5.16 13.19 -24.49
N VAL B 278 -5.89 12.91 -23.42
CA VAL B 278 -6.69 11.68 -23.32
C VAL B 278 -7.75 11.77 -24.41
N SER B 279 -7.87 10.73 -25.23
CA SER B 279 -8.61 10.77 -26.53
C SER B 279 -9.72 9.70 -26.60
N ASP B 280 -10.03 9.04 -25.48
CA ASP B 280 -10.95 7.88 -25.54
C ASP B 280 -12.25 8.21 -24.83
N SER B 281 -12.56 9.47 -24.52
CA SER B 281 -13.82 9.82 -23.79
C SER B 281 -15.04 9.16 -24.45
N TYR B 282 -15.13 9.17 -25.78
CA TYR B 282 -16.33 8.67 -26.51
C TYR B 282 -15.89 7.56 -27.46
N ASP B 283 -14.89 7.85 -28.30
CA ASP B 283 -14.44 6.93 -29.38
C ASP B 283 -12.99 7.27 -29.71
N ILE B 284 -12.05 6.56 -29.12
CA ILE B 284 -10.59 6.72 -29.36
C ILE B 284 -10.25 6.64 -30.86
N TYR B 285 -10.83 5.72 -31.60
CA TYR B 285 -10.49 5.48 -33.01
C TYR B 285 -11.02 6.64 -33.86
N ASN B 286 -12.24 7.13 -33.57
CA ASN B 286 -12.74 8.37 -34.24
C ASN B 286 -11.88 9.58 -33.87
N ALA B 287 -11.48 9.71 -32.59
CA ALA B 287 -10.64 10.86 -32.17
C ALA B 287 -9.32 10.82 -32.98
N CYS B 288 -8.69 9.65 -33.09
CA CYS B 288 -7.39 9.52 -33.78
C CYS B 288 -7.56 9.84 -35.28
N GLU B 289 -8.54 9.22 -35.93
CA GLU B 289 -8.66 9.21 -37.40
C GLU B 289 -9.29 10.51 -37.89
N LYS B 290 -10.36 10.98 -37.25
CA LYS B 290 -11.13 12.15 -37.74
C LYS B 290 -10.74 13.46 -37.03
N ILE B 291 -10.59 13.47 -35.71
CA ILE B 291 -10.40 14.76 -34.99
C ILE B 291 -8.93 15.17 -35.10
N TRP B 292 -8.00 14.37 -34.60
CA TRP B 292 -6.55 14.65 -34.71
C TRP B 292 -6.12 14.54 -36.18
N GLY B 293 -6.55 13.47 -36.84
CA GLY B 293 -6.02 13.06 -38.15
C GLY B 293 -6.59 13.88 -39.31
N GLU B 294 -7.68 14.59 -39.09
CA GLU B 294 -8.28 15.39 -40.19
C GLU B 294 -8.58 16.81 -39.69
N ASP B 295 -9.54 16.97 -38.77
CA ASP B 295 -10.05 18.31 -38.38
C ASP B 295 -8.95 19.17 -37.75
N LEU B 296 -8.05 18.60 -36.94
CA LEU B 296 -7.08 19.38 -36.12
C LEU B 296 -5.65 19.13 -36.61
N ARG B 297 -5.50 18.39 -37.71
CA ARG B 297 -4.17 17.91 -38.20
C ARG B 297 -3.23 19.11 -38.39
N HIS B 298 -3.76 20.26 -38.85
CA HIS B 298 -3.02 21.52 -39.11
C HIS B 298 -2.41 22.08 -37.80
N LEU B 299 -2.98 21.80 -36.63
CA LEU B 299 -2.48 22.27 -35.32
C LEU B 299 -1.42 21.30 -34.77
N ILE B 300 -1.34 20.08 -35.32
CA ILE B 300 -0.39 19.03 -34.86
C ILE B 300 0.85 19.13 -35.72
N VAL B 301 0.72 19.24 -37.05
CA VAL B 301 1.95 19.11 -37.91
C VAL B 301 2.81 20.38 -37.80
N SER B 302 2.31 21.43 -37.18
CA SER B 302 3.06 22.70 -36.95
C SER B 302 3.94 22.65 -35.69
N ARG B 303 3.76 21.66 -34.80
CA ARG B 303 4.37 21.73 -33.45
C ARG B 303 5.84 21.31 -33.51
N SER B 304 6.64 21.82 -32.58
CA SER B 304 8.09 21.56 -32.53
C SER B 304 8.38 20.17 -31.94
N THR B 305 9.57 19.69 -32.24
CA THR B 305 10.13 18.39 -31.78
C THR B 305 10.21 18.38 -30.25
N GLN B 306 10.35 19.55 -29.63
CA GLN B 306 10.46 19.71 -28.15
C GLN B 306 9.05 19.75 -27.54
N ALA B 307 7.99 19.84 -28.34
CA ALA B 307 6.61 20.05 -27.85
C ALA B 307 5.62 19.14 -28.59
N PRO B 308 5.79 17.82 -28.57
CA PRO B 308 4.89 16.97 -29.33
C PRO B 308 3.50 16.95 -28.69
N LEU B 309 2.46 16.70 -29.50
CA LEU B 309 1.21 16.11 -29.01
C LEU B 309 1.45 14.66 -28.61
N ILE B 310 1.02 14.29 -27.40
CA ILE B 310 1.00 12.88 -27.00
C ILE B 310 -0.46 12.45 -26.96
N ILE B 311 -0.87 11.56 -27.87
CA ILE B 311 -2.25 11.01 -27.84
C ILE B 311 -2.26 9.93 -26.78
N ARG B 312 -3.25 9.97 -25.88
CA ARG B 312 -3.37 9.01 -24.75
C ARG B 312 -4.68 8.24 -24.88
N PRO B 313 -4.65 6.98 -25.38
CA PRO B 313 -5.74 6.06 -25.20
C PRO B 313 -5.79 5.65 -23.71
N ASP B 314 -6.97 5.26 -23.20
CA ASP B 314 -7.16 4.92 -21.76
C ASP B 314 -8.19 3.82 -21.57
N SER B 315 -8.42 2.94 -22.54
CA SER B 315 -9.49 1.90 -22.35
C SER B 315 -9.31 0.82 -23.41
N GLY B 316 -10.01 -0.31 -23.26
CA GLY B 316 -9.90 -1.46 -24.18
C GLY B 316 -8.68 -2.31 -23.86
N ASN B 317 -8.51 -3.38 -24.61
CA ASN B 317 -7.33 -4.25 -24.55
C ASN B 317 -6.10 -3.37 -24.77
N PRO B 318 -5.14 -3.29 -23.82
CA PRO B 318 -3.96 -2.42 -24.01
C PRO B 318 -3.16 -2.70 -25.30
N LEU B 319 -2.81 -3.93 -25.61
CA LEU B 319 -2.01 -4.20 -26.83
C LEU B 319 -2.86 -3.88 -28.07
N ASP B 320 -4.10 -4.39 -28.14
CA ASP B 320 -4.94 -4.21 -29.38
C ASP B 320 -5.16 -2.72 -29.62
N THR B 321 -5.39 -1.96 -28.55
CA THR B 321 -5.73 -0.52 -28.68
C THR B 321 -4.50 0.22 -29.19
N VAL B 322 -3.33 -0.08 -28.65
CA VAL B 322 -2.08 0.60 -29.05
C VAL B 322 -1.81 0.33 -30.53
N LEU B 323 -1.97 -0.93 -30.98
CA LEU B 323 -1.67 -1.32 -32.37
C LEU B 323 -2.63 -0.64 -33.34
N LYS B 324 -3.91 -0.50 -32.97
CA LYS B 324 -4.88 0.12 -33.87
C LYS B 324 -4.66 1.65 -33.89
N VAL B 325 -4.37 2.26 -32.76
CA VAL B 325 -4.07 3.72 -32.66
C VAL B 325 -2.88 4.04 -33.58
N LEU B 326 -1.82 3.24 -33.50
CA LEU B 326 -0.61 3.47 -34.36
C LEU B 326 -0.97 3.25 -35.83
N GLU B 327 -1.76 2.20 -36.12
CA GLU B 327 -2.12 1.93 -37.55
C GLU B 327 -2.91 3.13 -38.08
N ILE B 328 -3.82 3.68 -37.30
CA ILE B 328 -4.60 4.88 -37.71
C ILE B 328 -3.62 6.03 -37.96
N LEU B 329 -2.82 6.39 -36.96
CA LEU B 329 -1.95 7.59 -37.04
C LEU B 329 -0.99 7.43 -38.23
N GLY B 330 -0.50 6.22 -38.49
CA GLY B 330 0.45 5.92 -39.57
C GLY B 330 -0.13 6.24 -40.93
N LYS B 331 -1.46 6.21 -41.08
CA LYS B 331 -2.15 6.50 -42.37
C LYS B 331 -2.62 7.95 -42.45
N LYS B 332 -2.60 8.70 -41.36
CA LYS B 332 -2.99 10.14 -41.41
C LYS B 332 -1.76 11.07 -41.35
N PHE B 333 -0.60 10.57 -40.94
CA PHE B 333 0.60 11.39 -40.62
C PHE B 333 1.79 10.81 -41.36
N PRO B 334 2.79 11.62 -41.73
CA PRO B 334 3.93 11.12 -42.51
C PRO B 334 4.87 10.23 -41.68
N VAL B 335 4.84 8.93 -41.95
CA VAL B 335 5.68 7.95 -41.18
CA VAL B 335 5.66 7.92 -41.20
C VAL B 335 7.00 7.73 -41.90
N THR B 336 8.07 7.62 -41.13
CA THR B 336 9.41 7.30 -41.64
C THR B 336 9.79 5.89 -41.20
N GLU B 337 10.81 5.35 -41.82
CA GLU B 337 11.40 4.06 -41.46
C GLU B 337 12.81 4.35 -40.95
N ASN B 338 13.06 4.05 -39.67
CA ASN B 338 14.37 4.38 -39.04
C ASN B 338 15.42 3.37 -39.53
N SER B 339 16.66 3.53 -39.06
CA SER B 339 17.82 2.88 -39.71
C SER B 339 17.76 1.38 -39.35
N LYS B 340 16.84 0.99 -38.46
CA LYS B 340 16.62 -0.43 -38.07
C LYS B 340 15.46 -1.04 -38.86
N GLY B 341 14.75 -0.27 -39.69
CA GLY B 341 13.63 -0.82 -40.47
C GLY B 341 12.28 -0.70 -39.76
N TYR B 342 12.22 0.03 -38.65
CA TYR B 342 11.00 0.18 -37.84
C TYR B 342 10.39 1.53 -38.13
N LYS B 343 9.06 1.53 -38.09
CA LYS B 343 8.24 2.71 -38.41
C LYS B 343 8.28 3.70 -37.26
N LEU B 344 8.25 4.98 -37.62
CA LEU B 344 8.42 6.09 -36.67
C LEU B 344 7.48 7.22 -37.06
N LEU B 345 6.62 7.64 -36.14
CA LEU B 345 5.74 8.82 -36.32
C LEU B 345 6.60 10.06 -36.44
N PRO B 346 6.09 11.14 -37.05
CA PRO B 346 6.82 12.40 -37.02
C PRO B 346 7.11 12.86 -35.61
N PRO B 347 8.17 13.67 -35.40
CA PRO B 347 8.61 13.95 -34.03
C PRO B 347 7.63 14.83 -33.23
N TYR B 348 6.61 15.38 -33.86
CA TYR B 348 5.58 16.22 -33.21
C TYR B 348 4.47 15.33 -32.67
N LEU B 349 4.55 14.01 -32.84
CA LEU B 349 3.41 13.10 -32.54
C LEU B 349 3.91 11.82 -31.81
N ARG B 350 3.43 11.63 -30.58
CA ARG B 350 3.72 10.43 -29.77
C ARG B 350 2.42 9.87 -29.16
N VAL B 351 2.52 8.69 -28.51
CA VAL B 351 1.39 7.94 -27.91
C VAL B 351 1.82 7.60 -26.49
N ILE B 352 0.90 7.67 -25.55
CA ILE B 352 1.20 7.11 -24.20
C ILE B 352 0.06 6.17 -23.86
N GLN B 353 0.38 4.93 -23.53
CA GLN B 353 -0.59 3.95 -22.96
CA GLN B 353 -0.57 3.94 -22.96
C GLN B 353 -0.45 4.00 -21.43
N GLY B 354 -1.47 4.52 -20.75
CA GLY B 354 -1.51 4.78 -19.29
C GLY B 354 -2.60 3.99 -18.53
N ASP B 355 -3.13 2.93 -19.13
CA ASP B 355 -4.24 2.10 -18.61
C ASP B 355 -3.80 0.64 -18.69
N GLY B 356 -3.98 -0.10 -17.58
CA GLY B 356 -3.69 -1.55 -17.51
C GLY B 356 -2.20 -1.88 -17.65
N VAL B 357 -1.29 -0.94 -17.34
CA VAL B 357 0.17 -1.23 -17.52
C VAL B 357 0.72 -1.76 -16.21
N ASP B 358 1.24 -2.96 -16.32
CA ASP B 358 2.15 -3.52 -15.30
C ASP B 358 3.27 -4.22 -16.09
N ILE B 359 4.16 -4.90 -15.38
CA ILE B 359 5.36 -5.50 -15.99
C ILE B 359 4.94 -6.52 -17.03
N ASN B 360 3.81 -7.21 -16.86
CA ASN B 360 3.38 -8.24 -17.83
C ASN B 360 2.82 -7.55 -19.07
N THR B 361 1.97 -6.53 -18.94
CA THR B 361 1.30 -5.96 -20.13
C THR B 361 2.34 -5.10 -20.89
N LEU B 362 3.24 -4.45 -20.19
CA LEU B 362 4.31 -3.65 -20.80
C LEU B 362 5.09 -4.54 -21.78
N GLN B 363 5.48 -5.73 -21.34
CA GLN B 363 6.23 -6.71 -22.14
C GLN B 363 5.41 -7.10 -23.36
N GLU B 364 4.10 -7.32 -23.17
CA GLU B 364 3.17 -7.74 -24.24
C GLU B 364 3.09 -6.63 -25.30
N ILE B 365 2.98 -5.38 -24.85
CA ILE B 365 2.75 -4.24 -25.79
C ILE B 365 4.02 -4.03 -26.61
N VAL B 366 5.20 -4.07 -25.99
CA VAL B 366 6.43 -3.73 -26.75
C VAL B 366 6.72 -4.89 -27.72
N GLU B 367 6.48 -6.13 -27.32
CA GLU B 367 6.69 -7.30 -28.22
C GLU B 367 5.74 -7.18 -29.41
N GLY B 368 4.47 -6.86 -29.13
CA GLY B 368 3.45 -6.71 -30.19
C GLY B 368 3.77 -5.58 -31.14
N MET B 369 4.22 -4.44 -30.62
CA MET B 369 4.70 -3.30 -31.45
C MET B 369 5.86 -3.79 -32.34
N LYS B 370 6.83 -4.50 -31.76
CA LYS B 370 8.00 -4.97 -32.51
C LYS B 370 7.55 -5.88 -33.64
N GLN B 371 6.59 -6.78 -33.40
CA GLN B 371 6.10 -7.73 -34.43
C GLN B 371 5.40 -6.98 -35.55
N LYS B 372 4.80 -5.83 -35.27
CA LYS B 372 4.13 -5.02 -36.29
C LYS B 372 5.07 -3.95 -36.85
N MET B 373 6.37 -4.02 -36.57
CA MET B 373 7.42 -3.10 -37.11
C MET B 373 7.23 -1.65 -36.64
N TRP B 374 6.72 -1.45 -35.44
CA TRP B 374 6.68 -0.10 -34.80
C TRP B 374 7.85 0.07 -33.82
N SER B 375 8.57 1.16 -33.98
CA SER B 375 9.68 1.54 -33.07
C SER B 375 9.05 1.84 -31.70
N ILE B 376 9.75 1.43 -30.65
CA ILE B 376 9.40 1.82 -29.25
C ILE B 376 9.70 3.29 -29.04
N GLU B 377 10.37 3.96 -29.96
CA GLU B 377 10.45 5.46 -29.96
C GLU B 377 9.07 6.10 -29.98
N ASN B 378 8.07 5.43 -30.56
CA ASN B 378 6.71 6.02 -30.74
C ASN B 378 5.96 6.14 -29.43
N ILE B 379 6.30 5.33 -28.42
CA ILE B 379 5.39 5.08 -27.25
C ILE B 379 6.08 5.47 -25.94
N ALA B 380 5.27 5.98 -25.02
CA ALA B 380 5.59 6.05 -23.59
C ALA B 380 4.50 5.31 -22.81
N PHE B 381 4.86 4.86 -21.60
CA PHE B 381 3.93 4.15 -20.73
C PHE B 381 3.70 4.99 -19.49
N GLY B 382 2.45 5.00 -19.04
CA GLY B 382 2.04 5.45 -17.70
C GLY B 382 1.54 4.25 -16.88
N SER B 383 1.92 4.19 -15.60
CA SER B 383 1.52 3.04 -14.74
C SER B 383 1.21 3.61 -13.36
N GLY B 384 0.10 3.16 -12.78
CA GLY B 384 -0.34 3.68 -11.48
C GLY B 384 -0.30 2.58 -10.46
N GLY B 385 -1.42 1.87 -10.34
CA GLY B 385 -1.53 0.76 -9.36
C GLY B 385 -0.50 -0.34 -9.63
N GLY B 386 -0.30 -0.68 -10.90
CA GLY B 386 0.75 -1.64 -11.29
C GLY B 386 2.11 -1.25 -10.75
N LEU B 387 2.43 0.02 -10.75
CA LEU B 387 3.79 0.49 -10.41
C LEU B 387 3.95 0.63 -8.90
N LEU B 388 2.93 1.14 -8.20
CA LEU B 388 3.06 1.60 -6.78
C LEU B 388 2.25 0.76 -5.77
N GLN B 389 1.16 0.11 -6.21
CA GLN B 389 0.26 -0.57 -5.28
C GLN B 389 0.22 -2.09 -5.45
N LYS B 390 0.29 -2.64 -6.64
CA LYS B 390 0.02 -4.08 -6.82
C LYS B 390 1.30 -4.88 -6.51
N LEU B 391 1.81 -4.74 -5.30
CA LEU B 391 3.08 -5.33 -4.84
C LEU B 391 2.90 -5.72 -3.38
N THR B 392 3.53 -6.82 -2.97
CA THR B 392 3.47 -7.33 -1.58
C THR B 392 4.84 -7.75 -1.08
N ARG B 393 4.92 -7.93 0.23
CA ARG B 393 6.19 -8.36 0.88
C ARG B 393 6.61 -9.76 0.38
N ASP B 394 5.65 -10.55 -0.07
CA ASP B 394 5.83 -11.91 -0.66
C ASP B 394 6.52 -11.89 -2.02
N LEU B 395 6.44 -10.80 -2.79
CA LEU B 395 6.93 -10.85 -4.17
C LEU B 395 8.42 -11.20 -4.15
N LEU B 396 9.22 -10.53 -3.33
CA LEU B 396 10.66 -10.85 -3.17
C LEU B 396 10.98 -11.61 -1.88
N ASN B 397 9.99 -12.11 -1.17
CA ASN B 397 10.23 -12.82 0.11
C ASN B 397 11.11 -11.97 1.05
N CYS B 398 10.77 -10.70 1.24
CA CYS B 398 11.49 -9.79 2.16
C CYS B 398 11.22 -10.22 3.62
N SER B 399 12.26 -10.48 4.41
CA SER B 399 12.08 -11.22 5.69
C SER B 399 13.21 -10.82 6.66
N PHE B 400 12.88 -10.67 7.92
CA PHE B 400 13.81 -10.35 9.03
C PHE B 400 13.78 -11.49 10.08
N LYS B 401 14.96 -12.00 10.40
CA LYS B 401 15.10 -13.16 11.32
C LYS B 401 16.32 -12.97 12.24
N CYS B 402 16.19 -13.52 13.46
CA CYS B 402 17.29 -13.68 14.41
C CYS B 402 18.17 -14.83 13.92
N SER B 403 19.49 -14.58 13.82
CA SER B 403 20.51 -15.58 13.38
C SER B 403 21.57 -15.84 14.47
N TYR B 404 21.64 -15.02 15.52
CA TYR B 404 22.72 -15.15 16.52
C TYR B 404 22.25 -14.54 17.85
N VAL B 405 22.49 -15.25 18.95
CA VAL B 405 22.28 -14.65 20.29
C VAL B 405 23.51 -14.99 21.14
N VAL B 406 23.76 -14.18 22.15
CA VAL B 406 24.65 -14.49 23.30
C VAL B 406 23.78 -14.66 24.55
N THR B 407 23.91 -15.82 25.20
CA THR B 407 23.20 -16.21 26.43
C THR B 407 24.22 -16.86 27.38
N ASN B 408 24.28 -16.40 28.63
CA ASN B 408 25.31 -16.80 29.64
C ASN B 408 26.72 -16.65 29.06
N GLY B 409 26.95 -15.58 28.29
CA GLY B 409 28.26 -15.25 27.69
C GLY B 409 28.70 -16.14 26.55
N LEU B 410 27.86 -17.07 26.05
CA LEU B 410 28.20 -17.95 24.91
C LEU B 410 27.33 -17.60 23.69
N GLY B 411 27.96 -17.40 22.53
CA GLY B 411 27.27 -17.07 21.27
C GLY B 411 26.70 -18.31 20.66
N ILE B 412 25.45 -18.31 20.18
CA ILE B 412 24.90 -19.49 19.45
C ILE B 412 24.29 -19.05 18.12
N ASN B 413 24.50 -19.90 17.13
CA ASN B 413 23.96 -19.74 15.77
C ASN B 413 22.56 -20.29 15.81
N VAL B 414 21.60 -19.46 15.46
CA VAL B 414 20.16 -19.81 15.58
C VAL B 414 19.50 -19.56 14.23
N PHE B 415 18.37 -20.23 14.05
CA PHE B 415 17.72 -20.29 12.74
C PHE B 415 16.39 -21.03 12.87
N LYS B 416 15.56 -20.83 11.84
CA LYS B 416 14.33 -21.62 11.64
C LYS B 416 14.55 -22.49 10.42
N ASP B 417 13.87 -23.64 10.35
CA ASP B 417 13.97 -24.60 9.22
C ASP B 417 12.73 -25.46 9.20
N PRO B 418 11.56 -24.90 8.83
CA PRO B 418 10.28 -25.60 8.92
C PRO B 418 10.29 -26.79 7.98
N VAL B 419 9.89 -27.95 8.50
CA VAL B 419 9.92 -29.25 7.78
C VAL B 419 9.14 -29.16 6.46
N ALA B 420 7.98 -28.53 6.44
CA ALA B 420 7.11 -28.52 5.25
C ALA B 420 7.51 -27.42 4.26
N ASP B 421 8.47 -26.55 4.57
CA ASP B 421 8.86 -25.49 3.60
C ASP B 421 10.33 -25.09 3.76
N PRO B 422 11.22 -25.82 3.09
CA PRO B 422 12.66 -25.48 3.08
C PRO B 422 13.00 -24.08 2.52
N ASN B 423 12.12 -23.47 1.74
CA ASN B 423 12.33 -22.08 1.29
C ASN B 423 12.28 -21.08 2.44
N LYS B 424 11.69 -21.43 3.58
CA LYS B 424 11.65 -20.52 4.75
C LYS B 424 12.85 -20.77 5.70
N ARG B 425 13.74 -21.70 5.40
CA ARG B 425 14.98 -21.87 6.19
C ARG B 425 15.70 -20.52 6.28
N SER B 426 16.18 -20.18 7.45
CA SER B 426 16.90 -18.90 7.67
C SER B 426 18.40 -19.15 7.90
N LYS B 427 19.18 -18.08 7.82
CA LYS B 427 20.67 -18.16 7.88
C LYS B 427 21.13 -18.26 9.33
N LYS B 428 22.31 -18.81 9.52
CA LYS B 428 22.85 -19.10 10.87
C LYS B 428 24.02 -18.17 11.20
N GLY B 429 23.94 -17.56 12.36
CA GLY B 429 25.09 -16.94 13.02
C GLY B 429 25.32 -15.55 12.51
N ARG B 430 26.56 -15.09 12.70
CA ARG B 430 26.98 -13.74 12.28
C ARG B 430 27.26 -13.77 10.78
N LEU B 431 26.66 -12.80 10.09
CA LEU B 431 26.61 -12.74 8.62
C LEU B 431 27.53 -11.63 8.11
N SER B 432 28.08 -11.85 6.94
CA SER B 432 28.81 -10.80 6.19
C SER B 432 28.56 -11.00 4.69
N LEU B 433 28.73 -9.93 3.92
CA LEU B 433 28.50 -9.91 2.45
C LEU B 433 29.85 -9.73 1.76
N HIS B 434 30.15 -10.55 0.76
CA HIS B 434 31.51 -10.48 0.11
C HIS B 434 31.41 -10.58 -1.38
N ARG B 435 32.45 -10.06 -2.06
CA ARG B 435 32.70 -10.32 -3.48
C ARG B 435 33.28 -11.70 -3.60
N THR B 436 32.79 -12.47 -4.56
CA THR B 436 33.41 -13.76 -4.94
C THR B 436 34.58 -13.51 -5.87
N PRO B 437 35.48 -14.48 -6.07
CA PRO B 437 36.56 -14.32 -7.04
C PRO B 437 36.07 -13.96 -8.44
N ALA B 438 34.84 -14.31 -8.85
CA ALA B 438 34.27 -13.94 -10.16
C ALA B 438 33.53 -12.60 -10.08
N GLY B 439 33.56 -11.89 -8.96
CA GLY B 439 32.92 -10.57 -8.81
C GLY B 439 31.44 -10.64 -8.54
N ASN B 440 30.94 -11.75 -8.02
CA ASN B 440 29.52 -11.83 -7.61
C ASN B 440 29.47 -11.61 -6.10
N PHE B 441 28.33 -11.88 -5.53
CA PHE B 441 28.07 -11.69 -4.10
C PHE B 441 27.89 -13.05 -3.43
N VAL B 442 28.34 -13.11 -2.18
CA VAL B 442 28.10 -14.30 -1.32
C VAL B 442 27.89 -13.79 0.09
N THR B 443 26.87 -14.37 0.76
CA THR B 443 26.67 -14.15 2.20
C THR B 443 27.37 -15.29 2.94
N LEU B 444 28.32 -14.95 3.81
CA LEU B 444 29.01 -15.91 4.68
C LEU B 444 28.27 -15.96 6.02
N GLU B 445 28.06 -17.16 6.53
CA GLU B 445 27.33 -17.44 7.78
C GLU B 445 28.33 -17.85 8.87
N GLU B 446 27.86 -17.97 10.11
CA GLU B 446 28.60 -18.63 11.23
C GLU B 446 29.88 -17.86 11.53
N GLY B 447 29.90 -16.55 11.24
CA GLY B 447 31.05 -15.69 11.53
C GLY B 447 32.21 -15.98 10.59
N LYS B 448 32.00 -16.76 9.54
CA LYS B 448 33.10 -17.22 8.62
C LYS B 448 33.72 -16.02 7.87
N GLY B 449 33.02 -14.88 7.74
CA GLY B 449 33.67 -13.64 7.27
C GLY B 449 34.98 -13.31 7.96
N ASP B 450 35.12 -13.66 9.25
CA ASP B 450 36.29 -13.29 10.06
C ASP B 450 37.51 -14.11 9.66
N LEU B 451 37.33 -15.26 8.98
CA LEU B 451 38.44 -16.06 8.41
C LEU B 451 39.16 -15.24 7.34
N GLU B 452 38.54 -14.17 6.83
CA GLU B 452 39.08 -13.27 5.78
C GLU B 452 39.58 -14.07 4.58
N GLU B 453 38.85 -15.10 4.17
CA GLU B 453 39.18 -15.89 2.94
C GLU B 453 38.50 -15.22 1.75
N TYR B 454 37.60 -14.26 2.01
CA TYR B 454 36.82 -13.55 0.98
C TYR B 454 36.92 -12.03 1.13
N GLY B 455 38.04 -11.57 1.71
CA GLY B 455 38.29 -10.14 1.99
C GLY B 455 37.16 -9.46 2.79
N GLN B 456 36.86 -8.20 2.49
CA GLN B 456 36.19 -7.29 3.45
C GLN B 456 34.66 -7.35 3.26
N ASP B 457 33.99 -7.25 4.37
CA ASP B 457 32.52 -7.20 4.45
C ASP B 457 32.04 -5.97 3.65
N LEU B 458 31.07 -6.14 2.77
CA LEU B 458 30.49 -5.05 1.93
C LEU B 458 29.39 -4.29 2.69
N LEU B 459 28.91 -4.77 3.84
CA LEU B 459 28.00 -4.01 4.71
C LEU B 459 28.81 -2.95 5.44
N HIS B 460 28.21 -1.79 5.60
CA HIS B 460 28.76 -0.63 6.36
C HIS B 460 27.81 -0.35 7.53
N THR B 461 28.36 0.05 8.65
CA THR B 461 27.57 0.64 9.73
C THR B 461 26.88 1.91 9.21
N VAL B 462 25.57 1.95 9.23
CA VAL B 462 24.73 3.10 8.78
C VAL B 462 24.04 3.76 9.99
N PHE B 463 23.91 3.05 11.13
CA PHE B 463 23.23 3.55 12.33
C PHE B 463 23.92 2.95 13.54
N LYS B 464 24.17 3.78 14.56
CA LYS B 464 24.76 3.32 15.81
C LYS B 464 24.37 4.30 16.92
N ASN B 465 23.77 3.76 17.98
CA ASN B 465 23.50 4.49 19.25
C ASN B 465 22.83 5.83 18.95
N GLY B 466 21.83 5.79 18.06
CA GLY B 466 20.89 6.89 17.80
C GLY B 466 21.41 7.85 16.74
N LYS B 467 22.55 7.54 16.11
CA LYS B 467 23.10 8.42 15.05
C LYS B 467 23.15 7.67 13.74
N VAL B 468 22.87 8.39 12.66
CA VAL B 468 23.11 7.90 11.27
C VAL B 468 24.59 8.15 11.02
N THR B 469 25.29 7.11 10.64
CA THR B 469 26.77 7.13 10.54
C THR B 469 27.25 7.08 9.11
N LYS B 470 26.39 6.76 8.16
CA LYS B 470 26.76 6.64 6.74
C LYS B 470 25.51 6.85 5.92
N SER B 471 25.59 7.65 4.88
CA SER B 471 24.43 8.04 4.04
C SER B 471 24.85 8.28 2.59
N TYR B 472 23.84 8.21 1.73
CA TYR B 472 23.95 8.16 0.26
C TYR B 472 23.06 9.26 -0.31
N SER B 473 23.58 10.02 -1.25
CA SER B 473 22.75 10.98 -2.01
C SER B 473 21.84 10.20 -2.97
N PHE B 474 20.78 10.81 -3.44
CA PHE B 474 19.95 10.14 -4.49
C PHE B 474 20.78 9.93 -5.76
N ASP B 475 21.74 10.82 -6.03
CA ASP B 475 22.55 10.69 -7.27
C ASP B 475 23.41 9.43 -7.16
N GLU B 476 23.88 9.10 -5.97
CA GLU B 476 24.75 7.92 -5.79
C GLU B 476 23.91 6.70 -5.97
N ILE B 477 22.68 6.77 -5.46
CA ILE B 477 21.75 5.63 -5.54
C ILE B 477 21.40 5.32 -7.01
N ARG B 478 21.07 6.32 -7.81
CA ARG B 478 20.79 6.17 -9.26
C ARG B 478 22.01 5.55 -9.93
N LYS B 479 23.20 5.99 -9.58
CA LYS B 479 24.41 5.39 -10.23
C LYS B 479 24.50 3.90 -9.87
N ASN B 480 24.32 3.55 -8.58
CA ASN B 480 24.48 2.13 -8.16
C ASN B 480 23.45 1.26 -8.87
N ALA B 481 22.26 1.81 -9.13
CA ALA B 481 21.14 1.02 -9.68
C ALA B 481 21.10 1.02 -11.23
N GLN B 482 22.09 1.60 -11.93
CA GLN B 482 22.10 1.65 -13.41
C GLN B 482 22.05 0.22 -13.99
N LEU B 483 21.53 0.09 -15.22
CA LEU B 483 21.48 -1.20 -15.94
C LEU B 483 22.90 -1.45 -16.46
N ASN B 484 23.30 -2.71 -16.70
CA ASN B 484 24.60 -3.08 -17.33
C ASN B 484 24.81 -2.31 -18.64
#